data_9M5N
#
_entry.id   9M5N
#
_cell.length_a   139.939
_cell.length_b   139.939
_cell.length_c   271.801
_cell.angle_alpha   90.00
_cell.angle_beta   90.00
_cell.angle_gamma   120.00
#
_symmetry.space_group_name_H-M   'P 61 2 2'
#
loop_
_entity.id
_entity.type
_entity.pdbx_description
1 polymer 'aspartate--tRNA ligase'
2 non-polymer "ASPARTYL-ADENOSINE-5'-MONOPHOSPHATE"
3 non-polymer GLYCEROL
4 non-polymer 'ACETATE ION'
5 water water
#
_entity_poly.entity_id   1
_entity_poly.type   'polypeptide(L)'
_entity_poly.pdbx_seq_one_letter_code
;AERENLKNEATKVLEHVCEDINKESYGFVKISKMKENEKEIRLFNLEEIYHSLMKVGGSGATDGGKREDDAASHSVVAES
NGAHLLQSDIWVRGRIHDIRSKGSLAFIILRHKLYSMQCILDIKHNDNDKNMMKWVSNLPLESIVDIKGKLSKPEVPIDS
TNIKYEAHIRKIFCISKTAKELPFLLKDANMKETNEEGSIKVNQDNRLNNRCVDLRTYANYSIFCLQSQICTIFKNFLLE
NNFIEIHTPKLLGESSEGGANAFQINYFNQKGFLAQSPQLYKQMCINSGFDRVFEVAPVFRAENSNTYRHLCEYVSLDVE
MTYKYDYLENVHFYDSMFKHIFTELSKGGKNEMLIKTVKGQYPCEDFQWLEETPIFTYEEAIKMLIQHGKLHLKEEEILA
YDMSTDMEKELGKIVKASHHTDYYIIINFPSALRPFYTMYKEDEPAISNSYDFFMRGEEILSGSQRISDVNLLLENIKRF
NLDANKLNFYIDSFAYSSYPHSGCGIGLERVLMLFLGLNNIRKTSLFPRDPKRLIP
;
_entity_poly.pdbx_strand_id   A,B
#
loop_
_chem_comp.id
_chem_comp.type
_chem_comp.name
_chem_comp.formula
ACT non-polymer 'ACETATE ION' 'C2 H3 O2 -1'
AMO non-polymer ASPARTYL-ADENOSINE-5'-MONOPHOSPHATE 'C14 H19 N6 O10 P'
GOL non-polymer GLYCEROL 'C3 H8 O3'
#
# COMPACT_ATOMS: atom_id res chain seq x y z
N ARG A 3 29.55 28.97 -49.73
CA ARG A 3 30.75 28.21 -50.05
C ARG A 3 30.75 26.95 -49.22
N GLU A 4 30.72 27.13 -47.92
CA GLU A 4 30.65 26.04 -46.95
C GLU A 4 29.20 25.65 -46.71
N ASN A 5 28.54 25.04 -47.69
CA ASN A 5 27.17 24.58 -47.48
C ASN A 5 27.18 23.16 -47.01
N LEU A 6 28.34 22.54 -47.16
CA LEU A 6 28.54 21.15 -46.81
C LEU A 6 28.03 20.75 -45.45
N LYS A 7 27.99 21.71 -44.52
CA LYS A 7 27.45 21.51 -43.21
C LYS A 7 25.98 21.14 -43.31
N ASN A 8 25.24 21.76 -44.21
CA ASN A 8 23.85 21.42 -44.40
C ASN A 8 23.69 19.94 -44.66
N GLU A 9 24.56 19.39 -45.47
CA GLU A 9 24.51 17.99 -45.75
C GLU A 9 24.83 17.24 -44.48
N ALA A 10 25.89 17.63 -43.80
CA ALA A 10 26.27 17.00 -42.54
C ALA A 10 25.11 17.03 -41.55
N THR A 11 24.38 18.15 -41.50
CA THR A 11 23.23 18.26 -40.62
C THR A 11 22.15 17.26 -41.01
N LYS A 12 21.90 17.10 -42.31
CA LYS A 12 20.94 16.08 -42.74
C LYS A 12 21.35 14.71 -42.23
N VAL A 13 22.65 14.41 -42.26
CA VAL A 13 23.11 13.11 -41.76
C VAL A 13 22.85 12.98 -40.27
N LEU A 14 23.22 14.00 -39.49
CA LEU A 14 23.08 13.89 -38.03
C LEU A 14 21.62 13.75 -37.61
N GLU A 15 20.68 14.23 -38.43
CA GLU A 15 19.28 14.19 -38.06
C GLU A 15 18.53 13.09 -38.79
N HIS A 16 19.26 12.21 -39.47
CA HIS A 16 18.64 11.27 -40.39
C HIS A 16 17.51 10.50 -39.71
N VAL A 17 16.34 10.53 -40.34
CA VAL A 17 15.20 9.73 -39.95
C VAL A 17 15.16 8.49 -40.83
N CYS A 18 15.12 7.31 -40.22
CA CYS A 18 15.09 6.07 -40.97
C CYS A 18 13.65 5.76 -41.39
N GLU A 19 13.47 5.49 -42.67
CA GLU A 19 12.15 5.20 -43.20
C GLU A 19 11.88 3.71 -43.39
N ASP A 20 12.93 2.92 -43.50
CA ASP A 20 12.75 1.48 -43.68
C ASP A 20 13.94 0.80 -43.01
N ILE A 21 13.71 0.24 -41.81
CA ILE A 21 14.77 -0.43 -41.07
C ILE A 21 15.27 -1.68 -41.77
N ASN A 22 14.54 -2.20 -42.77
CA ASN A 22 15.05 -3.35 -43.52
C ASN A 22 16.17 -2.95 -44.45
N LYS A 23 16.14 -1.74 -44.98
CA LYS A 23 17.12 -1.29 -45.96
C LYS A 23 18.19 -0.36 -45.38
N GLU A 24 18.07 0.07 -44.13
CA GLU A 24 19.01 1.00 -43.51
C GLU A 24 19.58 0.39 -42.23
N SER A 25 20.64 1.02 -41.72
CA SER A 25 21.32 0.52 -40.51
C SER A 25 21.31 1.49 -39.35
N TYR A 26 20.81 2.71 -39.51
CA TYR A 26 20.82 3.69 -38.43
C TYR A 26 19.78 4.76 -38.71
N GLY A 27 19.36 5.43 -37.65
CA GLY A 27 18.51 6.59 -37.77
C GLY A 27 17.56 6.69 -36.60
N PHE A 28 16.91 7.84 -36.50
CA PHE A 28 15.74 7.97 -35.66
C PHE A 28 14.57 7.26 -36.32
N VAL A 29 13.75 6.58 -35.51
CA VAL A 29 12.62 5.81 -36.01
C VAL A 29 11.41 6.04 -35.12
N LYS A 30 10.23 6.05 -35.73
CA LYS A 30 8.98 5.89 -35.00
C LYS A 30 8.84 4.45 -34.54
N ILE A 31 8.24 4.26 -33.36
CA ILE A 31 7.98 2.91 -32.88
C ILE A 31 7.13 2.13 -33.89
N SER A 32 6.20 2.81 -34.56
CA SER A 32 5.35 2.15 -35.53
C SER A 32 6.12 1.58 -36.72
N LYS A 33 7.34 2.02 -36.95
CA LYS A 33 8.11 1.50 -38.07
C LYS A 33 9.12 0.42 -37.73
N MET A 34 9.15 -0.01 -36.50
CA MET A 34 10.10 -1.05 -36.09
C MET A 34 9.50 -2.44 -36.38
N LYS A 35 9.39 -2.74 -37.66
CA LYS A 35 8.91 -4.02 -38.12
C LYS A 35 9.97 -4.55 -39.06
N GLU A 36 10.49 -5.74 -38.78
CA GLU A 36 11.51 -6.30 -39.64
C GLU A 36 10.82 -7.28 -40.57
N ASN A 37 10.85 -6.95 -41.86
CA ASN A 37 10.21 -7.71 -42.94
C ASN A 37 8.73 -8.03 -42.70
N GLU A 38 8.03 -7.03 -42.20
CA GLU A 38 6.60 -7.01 -41.86
C GLU A 38 6.20 -7.89 -40.68
N LYS A 39 7.17 -8.29 -39.88
CA LYS A 39 6.91 -9.14 -38.75
C LYS A 39 7.38 -8.44 -37.48
N GLU A 40 7.29 -9.13 -36.36
CA GLU A 40 7.61 -8.51 -35.08
C GLU A 40 9.00 -8.93 -34.62
N ILE A 41 9.74 -7.95 -34.08
CA ILE A 41 11.07 -8.17 -33.54
C ILE A 41 10.97 -8.88 -32.19
N ARG A 42 11.79 -9.90 -31.96
CA ARG A 42 11.96 -10.39 -30.60
C ARG A 42 12.99 -9.51 -29.90
N LEU A 43 12.51 -8.59 -29.07
CA LEU A 43 13.31 -7.56 -28.43
C LEU A 43 13.68 -7.99 -27.02
N PHE A 44 14.98 -7.93 -26.70
CA PHE A 44 15.46 -8.27 -25.36
C PHE A 44 15.74 -7.03 -24.54
N ASN A 45 15.69 -7.18 -23.22
CA ASN A 45 16.21 -6.17 -22.31
C ASN A 45 17.45 -6.73 -21.61
N LEU A 46 18.19 -5.85 -20.94
CA LEU A 46 19.50 -6.24 -20.40
C LEU A 46 19.37 -7.13 -19.16
N GLU A 47 18.28 -7.00 -18.40
CA GLU A 47 18.05 -7.91 -17.29
C GLU A 47 17.93 -9.35 -17.78
N GLU A 48 17.15 -9.55 -18.85
CA GLU A 48 17.04 -10.89 -19.41
C GLU A 48 18.40 -11.43 -19.81
N ILE A 49 19.17 -10.62 -20.55
CA ILE A 49 20.49 -11.07 -21.01
C ILE A 49 21.36 -11.43 -19.81
N TYR A 50 21.35 -10.58 -18.78
CA TYR A 50 22.17 -10.84 -17.60
C TYR A 50 21.81 -12.18 -16.97
N HIS A 51 20.51 -12.42 -16.76
CA HIS A 51 20.10 -13.68 -16.14
C HIS A 51 20.44 -14.89 -17.00
N SER A 52 20.29 -14.76 -18.32
CA SER A 52 20.59 -15.90 -19.18
C SER A 52 22.08 -16.20 -19.23
N LEU A 53 22.91 -15.18 -19.32
CA LEU A 53 24.32 -15.39 -19.61
C LEU A 53 25.22 -15.44 -18.38
N MET A 54 24.79 -14.87 -17.25
CA MET A 54 25.66 -14.81 -16.09
C MET A 54 25.17 -15.77 -15.00
N ALA A 83 22.27 -18.99 -24.53
CA ALA A 83 21.01 -19.50 -25.05
C ALA A 83 20.90 -19.27 -26.55
N HIS A 84 19.69 -18.92 -27.01
CA HIS A 84 19.51 -18.42 -28.37
C HIS A 84 20.19 -17.07 -28.56
N LEU A 85 20.75 -16.50 -27.50
CA LEU A 85 21.40 -15.19 -27.56
C LEU A 85 22.78 -15.23 -28.20
N LEU A 86 23.42 -16.40 -28.27
CA LEU A 86 24.81 -16.45 -28.73
C LEU A 86 24.96 -16.96 -30.15
N GLN A 87 23.90 -17.51 -30.75
CA GLN A 87 24.02 -18.14 -32.05
C GLN A 87 23.76 -17.20 -33.22
N SER A 88 23.00 -16.12 -33.01
CA SER A 88 22.60 -15.25 -34.10
C SER A 88 22.51 -13.81 -33.61
N ASP A 89 22.25 -12.90 -34.55
CA ASP A 89 21.97 -11.52 -34.21
C ASP A 89 20.69 -11.42 -33.39
N ILE A 90 20.73 -10.57 -32.36
CA ILE A 90 19.56 -10.31 -31.54
C ILE A 90 19.32 -8.81 -31.53
N TRP A 91 18.12 -8.45 -31.07
CA TRP A 91 17.75 -7.06 -30.81
C TRP A 91 17.71 -6.82 -29.31
N VAL A 92 18.27 -5.68 -28.90
CA VAL A 92 18.32 -5.26 -27.50
C VAL A 92 17.95 -3.79 -27.44
N ARG A 93 17.14 -3.41 -26.45
CA ARG A 93 16.84 -2.01 -26.21
C ARG A 93 17.57 -1.54 -24.95
N GLY A 94 17.98 -0.27 -24.93
CA GLY A 94 18.47 0.28 -23.68
C GLY A 94 18.78 1.76 -23.77
N ARG A 95 19.19 2.31 -22.62
CA ARG A 95 19.59 3.71 -22.56
C ARG A 95 21.10 3.84 -22.74
N ILE A 96 21.51 4.87 -23.47
CA ILE A 96 22.94 5.12 -23.71
C ILE A 96 23.51 5.76 -22.46
N HIS A 97 24.21 4.97 -21.65
CA HIS A 97 24.86 5.43 -20.45
C HIS A 97 26.14 6.20 -20.78
N ASP A 98 26.85 5.78 -21.83
CA ASP A 98 28.11 6.40 -22.24
C ASP A 98 28.38 6.03 -23.69
N ILE A 99 29.04 6.93 -24.42
CA ILE A 99 29.59 6.67 -25.76
C ILE A 99 31.03 7.14 -25.77
N ARG A 100 31.94 6.27 -26.19
CA ARG A 100 33.35 6.64 -26.39
C ARG A 100 33.70 6.45 -27.85
N SER A 101 33.96 7.56 -28.55
CA SER A 101 34.34 7.52 -29.97
C SER A 101 35.84 7.39 -30.07
N LYS A 102 36.30 6.41 -30.86
CA LYS A 102 37.74 6.21 -31.04
C LYS A 102 38.02 5.91 -32.52
N GLY A 103 37.88 6.95 -33.36
CA GLY A 103 38.16 6.82 -34.78
C GLY A 103 37.16 5.90 -35.47
N SER A 104 37.65 4.79 -36.02
CA SER A 104 36.79 3.84 -36.70
C SER A 104 36.01 2.94 -35.75
N LEU A 105 36.22 3.04 -34.44
CA LEU A 105 35.44 2.35 -33.42
C LEU A 105 34.65 3.35 -32.59
N ALA A 106 33.48 2.91 -32.11
CA ALA A 106 32.73 3.62 -31.08
C ALA A 106 32.21 2.60 -30.07
N PHE A 107 32.30 2.96 -28.80
CA PHE A 107 31.95 2.09 -27.68
C PHE A 107 30.76 2.69 -26.95
N ILE A 108 29.63 1.99 -26.97
CA ILE A 108 28.41 2.41 -26.30
C ILE A 108 28.19 1.54 -25.07
N ILE A 109 28.00 2.15 -23.91
CA ILE A 109 27.53 1.39 -22.76
C ILE A 109 26.01 1.54 -22.70
N LEU A 110 25.31 0.42 -22.84
CA LEU A 110 23.86 0.39 -22.71
C LEU A 110 23.50 0.03 -21.27
N ARG A 111 22.47 0.68 -20.76
CA ARG A 111 22.02 0.51 -19.39
C ARG A 111 20.54 0.23 -19.25
N HIS A 112 20.21 -0.66 -18.33
CA HIS A 112 18.86 -0.99 -17.94
C HIS A 112 18.93 -1.42 -16.48
N LYS A 113 18.17 -0.77 -15.61
CA LYS A 113 18.18 -1.04 -14.18
C LYS A 113 19.59 -1.05 -13.63
N LEU A 114 19.98 -2.17 -13.05
CA LEU A 114 21.32 -2.37 -12.51
C LEU A 114 22.30 -2.91 -13.53
N TYR A 115 21.87 -3.12 -14.77
CA TYR A 115 22.59 -3.92 -15.74
C TYR A 115 23.14 -3.02 -16.84
N SER A 116 24.37 -3.29 -17.24
CA SER A 116 24.99 -2.55 -18.33
C SER A 116 25.80 -3.50 -19.20
N MET A 117 25.91 -3.14 -20.47
CA MET A 117 26.59 -3.96 -21.46
C MET A 117 27.28 -3.07 -22.50
N GLN A 118 28.48 -3.45 -22.90
CA GLN A 118 29.20 -2.69 -23.91
C GLN A 118 28.84 -3.18 -25.32
N CYS A 119 28.55 -2.23 -26.19
CA CYS A 119 28.23 -2.47 -27.59
C CYS A 119 29.26 -1.73 -28.41
N ILE A 120 29.67 -2.31 -29.52
CA ILE A 120 30.80 -1.81 -30.29
C ILE A 120 30.35 -1.64 -31.73
N LEU A 121 30.66 -0.50 -32.30
CA LEU A 121 30.41 -0.25 -33.70
C LEU A 121 31.77 -0.12 -34.35
N ASP A 122 32.09 -0.96 -35.31
CA ASP A 122 33.35 -0.90 -36.00
C ASP A 122 33.00 -0.71 -37.43
N ILE A 123 33.37 0.40 -38.03
CA ILE A 123 32.95 0.65 -39.40
C ILE A 123 33.57 -0.14 -40.52
N LYS A 124 34.66 -0.84 -40.27
CA LYS A 124 35.21 -1.72 -41.30
C LYS A 124 34.16 -2.84 -41.59
N HIS A 125 33.52 -3.35 -40.54
CA HIS A 125 32.46 -4.34 -40.61
C HIS A 125 31.11 -3.78 -41.08
N ASN A 126 30.98 -2.46 -41.15
CA ASN A 126 29.74 -1.83 -41.58
C ASN A 126 29.73 -1.09 -42.91
N ASP A 127 30.36 -1.72 -43.89
CA ASP A 127 30.50 -1.25 -45.28
C ASP A 127 31.23 0.08 -45.41
N ASN A 128 32.20 0.33 -44.53
CA ASN A 128 32.97 1.57 -44.53
C ASN A 128 32.05 2.80 -44.61
N ASP A 129 30.95 2.76 -43.85
CA ASP A 129 29.93 3.81 -43.81
C ASP A 129 30.26 4.82 -42.71
N LYS A 130 30.93 5.90 -43.11
CA LYS A 130 31.29 6.99 -42.20
C LYS A 130 30.08 7.80 -41.73
N ASN A 131 29.00 7.83 -42.51
CA ASN A 131 27.81 8.55 -42.08
C ASN A 131 27.20 7.92 -40.84
N MET A 132 27.13 6.58 -40.81
CA MET A 132 26.64 5.89 -39.63
C MET A 132 27.46 6.23 -38.40
N MET A 133 28.80 6.21 -38.52
CA MET A 133 29.66 6.58 -37.40
C MET A 133 29.35 8.00 -36.93
N LYS A 134 29.29 8.93 -37.88
CA LYS A 134 28.96 10.32 -37.56
CA LYS A 134 28.97 10.32 -37.55
C LYS A 134 27.67 10.43 -36.78
N TRP A 135 26.66 9.66 -37.20
CA TRP A 135 25.34 9.74 -36.56
C TRP A 135 25.38 9.12 -35.16
N VAL A 136 26.10 8.01 -34.99
CA VAL A 136 26.23 7.36 -33.69
C VAL A 136 26.96 8.26 -32.71
N SER A 137 28.10 8.84 -33.14
CA SER A 137 28.89 9.68 -32.25
C SER A 137 28.08 10.84 -31.70
N ASN A 138 27.13 11.35 -32.50
CA ASN A 138 26.39 12.56 -32.17
C ASN A 138 25.18 12.28 -31.29
N LEU A 139 24.88 11.02 -30.99
CA LEU A 139 23.74 10.70 -30.12
C LEU A 139 23.99 11.22 -28.71
N PRO A 140 23.04 11.93 -28.10
CA PRO A 140 23.24 12.40 -26.73
C PRO A 140 23.04 11.28 -25.72
N LEU A 141 23.80 11.37 -24.62
CA LEU A 141 23.65 10.42 -23.53
C LEU A 141 22.21 10.41 -23.04
N GLU A 142 21.79 9.24 -22.53
CA GLU A 142 20.49 8.89 -21.99
C GLU A 142 19.48 8.58 -23.10
N SER A 143 19.81 8.75 -24.38
CA SER A 143 18.88 8.39 -25.43
C SER A 143 18.61 6.89 -25.42
N ILE A 144 17.44 6.52 -25.93
CA ILE A 144 16.99 5.15 -25.92
C ILE A 144 17.14 4.60 -27.32
N VAL A 145 17.84 3.47 -27.45
CA VAL A 145 18.09 2.88 -28.76
C VAL A 145 17.70 1.41 -28.74
N ASP A 146 17.34 0.93 -29.94
CA ASP A 146 17.26 -0.49 -30.25
C ASP A 146 18.45 -0.85 -31.11
N ILE A 147 19.24 -1.81 -30.65
CA ILE A 147 20.46 -2.25 -31.32
C ILE A 147 20.26 -3.67 -31.82
N LYS A 148 20.63 -3.92 -33.06
CA LYS A 148 20.69 -5.27 -33.62
C LYS A 148 22.15 -5.65 -33.75
N GLY A 149 22.54 -6.74 -33.10
CA GLY A 149 23.95 -7.11 -33.13
C GLY A 149 24.19 -8.49 -32.58
N LYS A 150 25.46 -8.89 -32.59
CA LYS A 150 25.87 -10.23 -32.21
C LYS A 150 26.60 -10.20 -30.88
N LEU A 151 26.19 -11.06 -29.95
CA LEU A 151 26.83 -11.11 -28.65
C LEU A 151 28.03 -12.04 -28.69
N SER A 152 29.12 -11.63 -28.05
CA SER A 152 30.26 -12.52 -27.88
C SER A 152 31.00 -12.14 -26.62
N LYS A 153 31.84 -13.04 -26.17
CA LYS A 153 32.56 -12.80 -24.93
C LYS A 153 33.97 -12.34 -25.24
N PRO A 154 34.41 -11.18 -24.75
CA PRO A 154 35.71 -10.64 -25.16
C PRO A 154 36.86 -11.27 -24.37
N GLU A 155 38.08 -11.00 -24.85
CA GLU A 155 39.30 -11.42 -24.19
C GLU A 155 39.24 -11.12 -22.69
N VAL A 156 39.16 -9.84 -22.31
CA VAL A 156 38.95 -9.45 -20.93
C VAL A 156 37.86 -8.40 -20.86
N PRO A 157 36.78 -8.63 -20.12
CA PRO A 157 35.61 -7.76 -20.23
C PRO A 157 35.79 -6.43 -19.53
N ILE A 158 34.91 -5.49 -19.89
CA ILE A 158 34.90 -4.19 -19.23
C ILE A 158 34.47 -4.36 -17.79
N ASP A 159 35.27 -3.83 -16.86
CA ASP A 159 34.99 -4.05 -15.45
C ASP A 159 33.75 -3.30 -14.98
N SER A 160 33.33 -2.26 -15.69
CA SER A 160 32.16 -1.49 -15.25
C SER A 160 30.85 -2.20 -15.56
N THR A 161 30.79 -2.99 -16.63
CA THR A 161 29.55 -3.67 -17.01
C THR A 161 29.46 -5.02 -16.29
N ASN A 162 28.30 -5.31 -15.70
CA ASN A 162 28.12 -6.60 -15.05
C ASN A 162 27.65 -7.69 -16.01
N ILE A 163 27.22 -7.33 -17.21
CA ILE A 163 27.13 -8.29 -18.31
C ILE A 163 28.51 -8.38 -18.95
N LYS A 164 29.13 -9.55 -18.91
CA LYS A 164 30.49 -9.70 -19.41
C LYS A 164 30.52 -10.15 -20.87
N TYR A 165 29.44 -9.91 -21.61
CA TYR A 165 29.45 -10.06 -23.06
C TYR A 165 29.38 -8.67 -23.70
N GLU A 166 29.74 -8.62 -24.96
CA GLU A 166 29.66 -7.41 -25.75
C GLU A 166 28.80 -7.67 -26.98
N ALA A 167 28.06 -6.65 -27.38
CA ALA A 167 27.31 -6.71 -28.62
C ALA A 167 28.11 -6.01 -29.71
N HIS A 168 28.32 -6.68 -30.83
CA HIS A 168 28.90 -6.03 -31.99
C HIS A 168 27.76 -5.59 -32.90
N ILE A 169 27.69 -4.29 -33.15
CA ILE A 169 26.49 -3.63 -33.70
C ILE A 169 26.42 -3.85 -35.20
N ARG A 170 25.28 -4.33 -35.67
CA ARG A 170 24.95 -4.27 -37.08
C ARG A 170 23.97 -3.14 -37.40
N LYS A 171 23.04 -2.84 -36.51
CA LYS A 171 22.11 -1.74 -36.74
C LYS A 171 21.85 -1.04 -35.42
N ILE A 172 21.61 0.26 -35.47
CA ILE A 172 21.23 0.95 -34.25
C ILE A 172 20.23 2.07 -34.57
N PHE A 173 19.07 2.04 -33.91
CA PHE A 173 18.00 3.00 -34.17
C PHE A 173 17.60 3.69 -32.89
N CYS A 174 17.36 4.98 -32.96
CA CYS A 174 17.07 5.74 -31.76
C CYS A 174 15.56 6.01 -31.70
N ILE A 175 14.91 5.48 -30.69
CA ILE A 175 13.46 5.65 -30.57
C ILE A 175 13.11 6.81 -29.64
N SER A 176 14.06 7.29 -28.83
CA SER A 176 13.82 8.49 -28.03
C SER A 176 15.13 9.24 -27.82
N LYS A 177 15.21 10.44 -28.36
CA LYS A 177 16.42 11.24 -28.32
C LYS A 177 16.36 12.21 -27.15
N THR A 178 17.43 12.21 -26.35
CA THR A 178 17.56 13.21 -25.29
C THR A 178 17.42 14.61 -25.87
N ALA A 179 16.46 15.38 -25.37
CA ALA A 179 16.15 16.68 -25.96
C ALA A 179 16.93 17.84 -25.32
N LYS A 180 17.56 17.63 -24.19
CA LYS A 180 18.02 18.74 -23.36
C LYS A 180 19.29 18.30 -22.64
N GLU A 181 20.23 19.22 -22.50
CA GLU A 181 21.44 18.96 -21.73
C GLU A 181 21.07 18.54 -20.33
N LEU A 182 21.75 17.53 -19.83
CA LEU A 182 21.45 17.04 -18.50
C LEU A 182 21.86 18.07 -17.43
N PRO A 183 21.13 18.13 -16.32
CA PRO A 183 21.50 19.07 -15.25
C PRO A 183 22.82 18.73 -14.59
N PHE A 184 23.22 17.47 -14.63
CA PHE A 184 24.53 17.02 -14.19
C PHE A 184 24.76 15.69 -14.88
N LEU A 185 26.01 15.26 -14.90
CA LEU A 185 26.38 14.03 -15.57
C LEU A 185 26.20 12.85 -14.63
N LEU A 186 25.70 11.73 -15.18
CA LEU A 186 25.51 10.53 -14.37
C LEU A 186 26.82 9.97 -13.85
N LYS A 187 27.90 10.07 -14.62
CA LYS A 187 29.22 9.67 -14.11
C LYS A 187 29.53 10.38 -12.81
N ASP A 188 29.20 11.67 -12.72
CA ASP A 188 29.42 12.39 -11.47
C ASP A 188 28.40 11.98 -10.41
N ALA A 189 27.13 11.82 -10.78
CA ALA A 189 26.12 11.47 -9.78
C ALA A 189 26.31 10.07 -9.21
N ASN A 190 27.01 9.18 -9.92
CA ASN A 190 27.26 7.82 -9.47
C ASN A 190 28.51 7.69 -8.61
N MET A 191 29.43 8.65 -8.67
CA MET A 191 30.70 8.49 -7.97
C MET A 191 30.51 8.52 -6.46
N LYS A 192 31.29 7.71 -5.77
CA LYS A 192 31.30 7.73 -4.32
C LYS A 192 31.95 9.03 -3.94
N GLU A 193 31.43 9.73 -2.96
CA GLU A 193 32.02 11.01 -2.58
C GLU A 193 33.37 10.90 -1.89
N THR A 194 34.35 11.59 -2.46
CA THR A 194 35.72 11.58 -1.99
C THR A 194 36.28 12.98 -2.04
N ASN A 195 37.42 13.20 -1.43
CA ASN A 195 38.04 14.53 -1.45
C ASN A 195 39.18 14.66 -2.46
N GLU A 196 39.30 13.69 -3.35
CA GLU A 196 40.36 13.64 -4.36
C GLU A 196 40.31 14.81 -5.34
N GLU A 197 41.45 15.17 -5.92
CA GLU A 197 41.51 16.30 -6.83
C GLU A 197 40.54 16.17 -7.99
N GLY A 198 39.85 17.25 -8.29
CA GLY A 198 38.90 17.26 -9.38
C GLY A 198 37.74 16.32 -9.19
N SER A 199 37.29 16.16 -7.95
CA SER A 199 36.15 15.32 -7.67
C SER A 199 34.96 16.21 -7.78
N ILE A 200 33.99 15.81 -8.57
CA ILE A 200 32.82 16.62 -8.71
C ILE A 200 31.72 15.97 -7.92
N LYS A 201 31.13 16.75 -7.06
CA LYS A 201 30.05 16.27 -6.27
C LYS A 201 28.80 16.91 -6.77
N VAL A 202 27.71 16.18 -6.70
CA VAL A 202 26.40 16.71 -7.05
C VAL A 202 25.64 16.87 -5.74
N ASN A 203 25.31 18.11 -5.38
CA ASN A 203 24.80 18.27 -4.02
C ASN A 203 23.32 17.91 -3.95
N GLN A 204 22.81 17.85 -2.72
CA GLN A 204 21.46 17.33 -2.50
C GLN A 204 20.40 18.22 -3.16
N ASP A 205 20.53 19.52 -2.98
CA ASP A 205 19.58 20.48 -3.50
C ASP A 205 19.45 20.26 -4.94
N ASN A 206 20.55 20.09 -5.65
CA ASN A 206 20.48 19.83 -7.12
CA ASN A 206 20.53 19.80 -7.11
C ASN A 206 19.89 18.44 -7.69
N ARG A 207 20.20 17.46 -6.87
CA ARG A 207 19.75 16.11 -7.06
C ARG A 207 18.25 16.05 -6.86
N LEU A 208 17.77 16.64 -5.78
CA LEU A 208 16.36 16.65 -5.47
C LEU A 208 15.55 17.47 -6.46
N ASN A 209 16.12 18.57 -6.92
CA ASN A 209 15.51 19.41 -7.92
C ASN A 209 15.39 18.76 -9.29
N ASN A 210 16.27 17.82 -9.59
CA ASN A 210 16.30 17.09 -10.84
C ASN A 210 16.19 15.62 -10.54
N ARG A 211 15.28 15.30 -9.64
CA ARG A 211 15.06 13.96 -9.16
C ARG A 211 14.92 12.87 -10.19
N CYS A 212 14.25 13.15 -11.28
CA CYS A 212 14.11 12.12 -12.32
CA CYS A 212 14.12 12.10 -12.28
C CYS A 212 15.43 11.77 -12.97
N VAL A 213 16.42 12.66 -12.92
CA VAL A 213 17.76 12.25 -13.34
C VAL A 213 18.49 11.57 -12.18
N ASP A 214 18.45 12.18 -11.00
CA ASP A 214 19.10 11.60 -9.81
C ASP A 214 18.73 10.13 -9.60
N LEU A 215 17.45 9.80 -9.77
CA LEU A 215 16.99 8.43 -9.56
C LEU A 215 17.59 7.43 -10.54
N ARG A 216 18.31 7.88 -11.56
CA ARG A 216 18.92 6.96 -12.50
C ARG A 216 20.25 6.40 -12.01
N THR A 217 20.86 6.98 -10.96
CA THR A 217 22.08 6.37 -10.44
C THR A 217 21.78 4.94 -10.00
N TYR A 218 22.81 4.08 -10.10
CA TYR A 218 22.61 2.69 -9.73
C TYR A 218 22.22 2.56 -8.25
N ALA A 219 22.83 3.35 -7.38
CA ALA A 219 22.51 3.29 -5.96
C ALA A 219 21.08 3.71 -5.69
N ASN A 220 20.59 4.77 -6.37
CA ASN A 220 19.23 5.24 -6.10
C ASN A 220 18.18 4.24 -6.60
N TYR A 221 18.39 3.70 -7.80
CA TYR A 221 17.55 2.59 -8.26
C TYR A 221 17.52 1.47 -7.22
N SER A 222 18.71 1.09 -6.72
CA SER A 222 18.76 -0.04 -5.79
C SER A 222 18.05 0.30 -4.47
N ILE A 223 18.19 1.54 -4.01
CA ILE A 223 17.53 1.95 -2.78
C ILE A 223 16.03 1.77 -2.88
N PHE A 224 15.44 2.17 -4.01
CA PHE A 224 13.98 2.09 -4.03
C PHE A 224 13.47 0.70 -4.39
N CYS A 225 14.31 -0.15 -5.00
CA CYS A 225 13.99 -1.57 -5.02
C CYS A 225 13.97 -2.15 -3.60
N LEU A 226 14.91 -1.72 -2.76
CA LEU A 226 14.93 -2.22 -1.41
C LEU A 226 13.75 -1.70 -0.60
N GLN A 227 13.31 -0.47 -0.89
CA GLN A 227 12.11 0.03 -0.25
C GLN A 227 10.91 -0.87 -0.56
N SER A 228 10.73 -1.18 -1.85
CA SER A 228 9.64 -2.08 -2.23
C SER A 228 9.79 -3.44 -1.53
N GLN A 229 11.03 -3.94 -1.45
CA GLN A 229 11.28 -5.20 -0.78
C GLN A 229 10.82 -5.17 0.68
N ILE A 230 11.08 -4.06 1.38
CA ILE A 230 10.64 -3.96 2.76
C ILE A 230 9.12 -4.03 2.85
N CYS A 231 8.42 -3.30 1.97
CA CYS A 231 6.95 -3.34 2.00
C CYS A 231 6.43 -4.76 1.78
N THR A 232 7.01 -5.46 0.79
CA THR A 232 6.59 -6.83 0.51
C THR A 232 6.82 -7.76 1.70
N ILE A 233 7.99 -7.68 2.34
CA ILE A 233 8.27 -8.60 3.44
C ILE A 233 7.36 -8.31 4.61
N PHE A 234 7.14 -7.02 4.93
CA PHE A 234 6.23 -6.60 5.98
C PHE A 234 4.83 -7.19 5.77
N LYS A 235 4.26 -6.90 4.60
CA LYS A 235 2.91 -7.39 4.29
C LYS A 235 2.85 -8.90 4.33
N ASN A 236 3.81 -9.59 3.70
CA ASN A 236 3.70 -11.04 3.61
C ASN A 236 3.84 -11.70 4.97
N PHE A 237 4.72 -11.19 5.83
CA PHE A 237 4.82 -11.70 7.19
C PHE A 237 3.47 -11.58 7.91
N LEU A 238 2.87 -10.39 7.82
CA LEU A 238 1.63 -10.19 8.57
C LEU A 238 0.48 -11.04 8.02
N LEU A 239 0.38 -11.14 6.69
CA LEU A 239 -0.65 -11.98 6.08
C LEU A 239 -0.45 -13.45 6.45
N GLU A 240 0.79 -13.94 6.42
CA GLU A 240 1.03 -15.31 6.83
C GLU A 240 0.71 -15.51 8.30
N ASN A 241 0.64 -14.45 9.09
CA ASN A 241 0.19 -14.60 10.47
C ASN A 241 -1.26 -14.16 10.68
N ASN A 242 -2.07 -14.17 9.62
CA ASN A 242 -3.53 -14.04 9.69
C ASN A 242 -3.99 -12.59 9.93
N PHE A 243 -3.17 -11.60 9.58
CA PHE A 243 -3.60 -10.21 9.53
C PHE A 243 -4.40 -9.92 8.27
N ILE A 244 -5.27 -8.91 8.34
CA ILE A 244 -5.85 -8.34 7.12
C ILE A 244 -5.35 -6.91 6.95
N GLU A 245 -5.19 -6.51 5.70
CA GLU A 245 -4.85 -5.13 5.37
C GLU A 245 -6.10 -4.26 5.41
N ILE A 246 -5.97 -3.07 6.02
CA ILE A 246 -7.04 -2.08 6.07
C ILE A 246 -6.58 -0.77 5.42
N HIS A 247 -7.56 0.05 5.07
CA HIS A 247 -7.31 1.39 4.55
C HIS A 247 -8.25 2.36 5.24
N THR A 248 -7.68 3.31 5.97
CA THR A 248 -8.43 4.21 6.82
C THR A 248 -8.21 5.65 6.37
N PRO A 249 -9.15 6.56 6.64
CA PRO A 249 -9.12 7.86 5.97
C PRO A 249 -7.98 8.74 6.47
N LYS A 250 -7.48 9.60 5.57
CA LYS A 250 -6.53 10.64 5.94
C LYS A 250 -7.18 12.01 6.09
N LEU A 251 -8.38 12.20 5.56
CA LEU A 251 -9.15 13.41 5.83
C LEU A 251 -9.90 13.23 7.15
N LEU A 252 -9.57 14.04 8.15
CA LEU A 252 -10.11 13.89 9.50
C LEU A 252 -10.90 15.11 9.91
N GLY A 253 -11.73 14.93 10.91
CA GLY A 253 -12.53 16.02 11.39
C GLY A 253 -11.85 16.72 12.54
N GLU A 254 -11.23 15.99 13.46
CA GLU A 254 -10.61 16.62 14.61
C GLU A 254 -9.36 15.92 15.04
N SER A 255 -8.47 16.68 15.66
CA SER A 255 -7.23 16.17 16.20
C SER A 255 -7.27 16.35 17.71
N ALA A 260 -1.85 20.31 17.11
CA ALA A 260 -1.59 21.53 16.34
C ALA A 260 -0.42 21.33 15.39
N ASN A 261 0.02 20.08 15.25
CA ASN A 261 0.98 19.69 14.24
C ASN A 261 0.32 19.07 13.01
N ALA A 262 -0.91 19.50 12.72
CA ALA A 262 -1.69 18.95 11.62
C ALA A 262 -1.88 19.98 10.53
N PHE A 263 -1.75 19.56 9.29
CA PHE A 263 -2.18 20.39 8.18
C PHE A 263 -3.70 20.50 8.19
N GLN A 264 -4.20 21.71 7.95
CA GLN A 264 -5.63 21.98 7.92
C GLN A 264 -6.15 21.98 6.49
N ILE A 265 -7.40 21.59 6.33
CA ILE A 265 -8.07 21.65 5.03
C ILE A 265 -9.46 22.23 5.24
N ASN A 266 -10.01 22.78 4.18
CA ASN A 266 -11.42 23.11 4.11
C ASN A 266 -12.13 21.96 3.41
N TYR A 267 -12.95 21.22 4.17
CA TYR A 267 -13.69 20.07 3.67
C TYR A 267 -15.15 20.50 3.55
N PHE A 268 -15.50 21.10 2.41
CA PHE A 268 -16.88 21.52 2.13
C PHE A 268 -17.45 22.33 3.30
N ASN A 269 -16.74 23.40 3.65
CA ASN A 269 -17.10 24.32 4.72
C ASN A 269 -17.03 23.69 6.11
N GLN A 270 -16.40 22.54 6.24
CA GLN A 270 -15.96 22.02 7.53
C GLN A 270 -14.46 22.24 7.67
N LYS A 271 -14.01 22.27 8.92
CA LYS A 271 -12.58 22.34 9.23
C LYS A 271 -12.08 20.91 9.35
N GLY A 272 -11.24 20.48 8.40
CA GLY A 272 -10.63 19.17 8.43
C GLY A 272 -9.13 19.25 8.68
N PHE A 273 -8.54 18.08 8.87
CA PHE A 273 -7.11 17.95 9.11
C PHE A 273 -6.61 16.70 8.40
N LEU A 274 -5.34 16.74 8.01
CA LEU A 274 -4.70 15.55 7.49
C LEU A 274 -4.26 14.65 8.64
N ALA A 275 -4.51 13.34 8.49
CA ALA A 275 -4.11 12.38 9.50
C ALA A 275 -2.59 12.40 9.67
N GLN A 276 -2.15 12.51 10.93
CA GLN A 276 -0.76 12.29 11.30
C GLN A 276 -0.45 10.82 11.52
N SER A 277 -1.48 10.00 11.59
CA SER A 277 -1.41 8.61 12.01
C SER A 277 -2.79 7.98 11.85
N PRO A 278 -2.85 6.70 11.50
CA PRO A 278 -4.14 6.01 11.45
C PRO A 278 -4.54 5.42 12.81
N GLN A 279 -3.87 5.88 13.88
CA GLN A 279 -4.04 5.39 15.24
C GLN A 279 -5.49 5.08 15.63
N LEU A 280 -6.35 6.11 15.60
CA LEU A 280 -7.69 5.95 16.12
C LEU A 280 -8.47 4.93 15.31
N TYR A 281 -8.27 4.92 13.99
CA TYR A 281 -9.06 4.03 13.15
C TYR A 281 -8.61 2.58 13.28
N LYS A 282 -7.29 2.34 13.42
CA LYS A 282 -6.85 0.96 13.58
C LYS A 282 -7.30 0.40 14.92
N GLN A 283 -7.29 1.24 15.98
CA GLN A 283 -7.92 0.82 17.22
C GLN A 283 -9.41 0.53 17.02
N MET A 284 -10.13 1.43 16.35
CA MET A 284 -11.55 1.21 16.11
C MET A 284 -11.81 -0.10 15.38
N CYS A 285 -10.89 -0.50 14.49
CA CYS A 285 -11.04 -1.77 13.79
C CYS A 285 -10.87 -2.93 14.74
N ILE A 286 -9.92 -2.82 15.68
CA ILE A 286 -9.80 -3.88 16.68
C ILE A 286 -11.05 -3.94 17.56
N ASN A 287 -11.61 -2.79 17.92
CA ASN A 287 -12.85 -2.77 18.69
C ASN A 287 -14.03 -3.28 17.89
N SER A 288 -13.92 -3.34 16.55
CA SER A 288 -14.94 -3.92 15.68
C SER A 288 -14.80 -5.42 15.52
N GLY A 289 -13.72 -6.03 16.00
CA GLY A 289 -13.55 -7.46 15.87
C GLY A 289 -12.53 -7.93 14.84
N PHE A 290 -11.79 -7.03 14.20
CA PHE A 290 -10.88 -7.46 13.14
C PHE A 290 -9.67 -8.22 13.67
N ASP A 291 -9.38 -8.13 14.97
CA ASP A 291 -8.35 -8.91 15.67
C ASP A 291 -6.91 -8.62 15.30
N ARG A 292 -6.60 -8.48 14.00
CA ARG A 292 -5.22 -8.33 13.54
C ARG A 292 -5.22 -7.53 12.25
N VAL A 293 -4.79 -6.26 12.31
CA VAL A 293 -4.85 -5.38 11.15
C VAL A 293 -3.50 -4.69 10.96
N PHE A 294 -3.20 -4.39 9.69
CA PHE A 294 -2.07 -3.55 9.35
C PHE A 294 -2.50 -2.61 8.23
N GLU A 295 -1.73 -1.52 8.09
CA GLU A 295 -1.96 -0.55 7.03
C GLU A 295 -0.61 -0.02 6.58
N VAL A 296 -0.47 0.21 5.28
CA VAL A 296 0.72 0.80 4.66
C VAL A 296 0.21 2.01 3.94
N ALA A 297 0.51 3.21 4.43
CA ALA A 297 -0.19 4.38 3.92
C ALA A 297 0.54 5.64 4.33
N PRO A 298 0.36 6.73 3.58
CA PRO A 298 1.00 7.98 3.96
C PRO A 298 0.38 8.58 5.20
N VAL A 299 1.19 9.30 5.95
CA VAL A 299 0.75 10.19 7.01
C VAL A 299 1.45 11.53 6.80
N PHE A 300 0.89 12.57 7.44
CA PHE A 300 1.24 13.95 7.17
C PHE A 300 1.51 14.67 8.49
N ARG A 301 2.69 15.30 8.58
CA ARG A 301 3.17 15.92 9.81
C ARG A 301 3.55 17.35 9.51
N ALA A 302 2.95 18.31 10.24
CA ALA A 302 3.09 19.74 9.94
C ALA A 302 4.05 20.47 10.86
N GLU A 303 4.76 19.76 11.73
CA GLU A 303 5.73 20.40 12.60
C GLU A 303 6.84 21.04 11.77
N ASN A 304 7.17 22.29 12.09
CA ASN A 304 8.18 23.04 11.33
C ASN A 304 9.56 22.64 11.84
N SER A 305 10.04 21.49 11.33
CA SER A 305 11.33 20.92 11.69
C SER A 305 12.06 20.48 10.44
N ASN A 306 13.30 20.96 10.27
CA ASN A 306 14.13 20.66 9.10
C ASN A 306 15.36 19.89 9.56
N THR A 307 15.33 18.56 9.47
CA THR A 307 16.43 17.74 9.96
C THR A 307 16.70 16.60 9.00
N TYR A 308 17.85 15.95 9.22
CA TYR A 308 18.26 14.85 8.37
C TYR A 308 17.32 13.66 8.41
N ARG A 309 16.47 13.55 9.42
CA ARG A 309 15.62 12.37 9.53
C ARG A 309 14.12 12.57 9.69
N HIS A 310 13.65 13.76 9.39
CA HIS A 310 12.26 14.16 9.57
C HIS A 310 11.70 14.63 8.22
N LEU A 311 10.53 14.09 7.83
CA LEU A 311 9.80 14.53 6.66
C LEU A 311 8.41 15.03 7.06
N CYS A 312 7.82 15.88 6.21
CA CYS A 312 6.44 16.31 6.42
C CYS A 312 5.40 15.31 5.92
N GLU A 313 5.80 14.42 5.02
CA GLU A 313 4.95 13.34 4.54
C GLU A 313 5.80 12.08 4.54
N TYR A 314 5.27 10.98 5.07
CA TYR A 314 6.03 9.73 4.93
C TYR A 314 5.08 8.55 4.89
N VAL A 315 5.63 7.37 4.60
CA VAL A 315 4.83 6.14 4.57
C VAL A 315 4.92 5.46 5.93
N SER A 316 3.79 5.35 6.61
CA SER A 316 3.70 4.67 7.89
C SER A 316 3.27 3.22 7.66
N LEU A 317 3.99 2.29 8.30
CA LEU A 317 3.60 0.90 8.40
C LEU A 317 3.01 0.74 9.80
N ASP A 318 1.72 0.42 9.87
CA ASP A 318 1.01 0.37 11.12
C ASP A 318 0.51 -1.03 11.37
N VAL A 319 0.61 -1.45 12.62
CA VAL A 319 0.13 -2.74 13.07
C VAL A 319 -0.72 -2.50 14.30
N GLU A 320 -1.81 -3.27 14.43
CA GLU A 320 -2.62 -3.25 15.64
C GLU A 320 -3.22 -4.65 15.81
N MET A 321 -3.19 -5.19 17.04
CA MET A 321 -3.56 -6.58 17.23
C MET A 321 -3.94 -6.84 18.69
N THR A 322 -4.71 -7.89 18.91
CA THR A 322 -5.11 -8.25 20.25
C THR A 322 -4.07 -9.12 20.89
N TYR A 323 -4.13 -9.25 22.20
CA TYR A 323 -3.24 -10.12 22.93
C TYR A 323 -4.07 -10.94 23.89
N LYS A 324 -3.57 -12.08 24.33
CA LYS A 324 -4.30 -12.90 25.24
C LYS A 324 -4.32 -12.33 26.64
N TYR A 325 -3.23 -12.48 27.38
CA TYR A 325 -3.18 -11.93 28.72
C TYR A 325 -2.01 -11.01 29.00
N ASP A 326 -0.98 -11.04 28.16
CA ASP A 326 0.21 -10.24 28.37
C ASP A 326 0.60 -9.50 27.10
N TYR A 327 0.67 -8.18 27.16
CA TYR A 327 1.00 -7.41 25.98
C TYR A 327 2.36 -7.76 25.41
N LEU A 328 3.22 -8.32 26.22
CA LEU A 328 4.55 -8.71 25.76
C LEU A 328 4.47 -9.74 24.64
N GLU A 329 3.39 -10.54 24.60
CA GLU A 329 3.10 -11.39 23.45
C GLU A 329 3.30 -10.62 22.16
N ASN A 330 2.53 -9.52 22.02
CA ASN A 330 2.63 -8.70 20.82
C ASN A 330 4.05 -8.13 20.67
N VAL A 331 4.67 -7.67 21.76
CA VAL A 331 6.02 -7.10 21.61
C VAL A 331 6.93 -8.13 20.97
N HIS A 332 6.89 -9.37 21.46
CA HIS A 332 7.79 -10.38 20.90
C HIS A 332 7.44 -10.65 19.45
N PHE A 333 6.14 -10.63 19.14
CA PHE A 333 5.74 -10.74 17.74
C PHE A 333 6.35 -9.63 16.89
N TYR A 334 6.24 -8.35 17.32
CA TYR A 334 6.80 -7.28 16.50
C TYR A 334 8.29 -7.50 16.31
N ASP A 335 8.95 -7.99 17.38
CA ASP A 335 10.38 -8.26 17.30
C ASP A 335 10.67 -9.28 16.22
N SER A 336 9.95 -10.40 16.23
CA SER A 336 10.27 -11.42 15.25
C SER A 336 9.99 -10.89 13.85
N MET A 337 9.01 -10.00 13.72
CA MET A 337 8.76 -9.38 12.43
C MET A 337 10.00 -8.66 11.93
N PHE A 338 10.58 -7.81 12.78
CA PHE A 338 11.77 -7.09 12.32
C PHE A 338 12.93 -8.05 12.07
N LYS A 339 13.09 -9.06 12.92
CA LYS A 339 14.18 -9.99 12.70
C LYS A 339 14.01 -10.67 11.35
N HIS A 340 12.76 -11.03 11.05
CA HIS A 340 12.46 -11.65 9.77
C HIS A 340 12.80 -10.70 8.63
N ILE A 341 12.38 -9.43 8.74
CA ILE A 341 12.71 -8.44 7.72
C ILE A 341 14.23 -8.38 7.51
N PHE A 342 14.99 -8.34 8.60
CA PHE A 342 16.45 -8.25 8.45
C PHE A 342 16.95 -9.48 7.73
N THR A 343 16.46 -10.65 8.15
CA THR A 343 16.91 -11.90 7.53
C THR A 343 16.58 -11.92 6.04
N GLU A 344 15.40 -11.41 5.66
CA GLU A 344 15.05 -11.49 4.25
C GLU A 344 15.84 -10.46 3.46
N LEU A 345 16.14 -9.31 4.08
CA LEU A 345 16.88 -8.31 3.33
C LEU A 345 18.31 -8.75 3.08
N SER A 346 18.81 -9.70 3.88
CA SER A 346 20.21 -10.10 3.89
C SER A 346 20.47 -11.41 3.16
N LYS A 347 19.48 -11.97 2.48
CA LYS A 347 19.62 -13.27 1.84
C LYS A 347 19.33 -13.16 0.34
N GLY A 348 20.04 -13.98 -0.43
CA GLY A 348 19.66 -14.22 -1.81
C GLY A 348 20.36 -13.31 -2.78
N GLY A 349 20.40 -13.74 -4.04
CA GLY A 349 21.11 -13.01 -5.06
C GLY A 349 20.61 -11.59 -5.22
N LYS A 350 19.33 -11.43 -5.44
CA LYS A 350 18.74 -10.13 -5.69
C LYS A 350 19.03 -9.07 -4.66
N ASN A 351 18.63 -9.32 -3.44
CA ASN A 351 18.84 -8.35 -2.37
C ASN A 351 20.33 -8.13 -2.11
N GLU A 352 21.13 -9.15 -2.35
CA GLU A 352 22.55 -9.03 -2.13
C GLU A 352 23.14 -8.06 -3.13
N MET A 353 22.71 -8.14 -4.37
CA MET A 353 23.22 -7.25 -5.41
C MET A 353 22.70 -5.84 -5.23
N LEU A 354 21.44 -5.68 -4.81
CA LEU A 354 20.92 -4.35 -4.51
C LEU A 354 21.72 -3.69 -3.38
N ILE A 355 21.96 -4.43 -2.30
CA ILE A 355 22.68 -3.85 -1.17
C ILE A 355 24.11 -3.52 -1.57
N LYS A 356 24.78 -4.45 -2.26
CA LYS A 356 26.14 -4.19 -2.73
C LYS A 356 26.19 -2.97 -3.64
N THR A 357 25.16 -2.79 -4.46
CA THR A 357 25.15 -1.64 -5.35
C THR A 357 24.97 -0.33 -4.57
N VAL A 358 24.15 -0.34 -3.52
CA VAL A 358 24.07 0.86 -2.69
C VAL A 358 25.43 1.12 -2.04
N LYS A 359 26.05 0.08 -1.49
CA LYS A 359 27.27 0.23 -0.72
C LYS A 359 28.45 0.67 -1.58
N GLY A 360 28.41 0.39 -2.89
CA GLY A 360 29.46 0.88 -3.77
C GLY A 360 29.59 2.40 -3.76
N GLN A 361 28.46 3.10 -3.67
CA GLN A 361 28.50 4.55 -3.56
C GLN A 361 28.46 5.04 -2.11
N TYR A 362 27.74 4.36 -1.22
CA TYR A 362 27.54 4.81 0.16
C TYR A 362 27.98 3.69 1.10
N PRO A 363 29.30 3.52 1.29
CA PRO A 363 29.77 2.40 2.11
C PRO A 363 29.30 2.51 3.55
N CYS A 364 29.04 1.34 4.15
CA CYS A 364 28.62 1.21 5.53
C CYS A 364 28.66 -0.27 5.89
N GLU A 365 29.06 -0.54 7.12
CA GLU A 365 29.12 -1.89 7.66
C GLU A 365 27.75 -2.56 7.58
N ASP A 366 27.75 -3.88 7.34
CA ASP A 366 26.50 -4.60 7.18
C ASP A 366 25.67 -4.55 8.46
N PHE A 367 24.35 -4.43 8.30
CA PHE A 367 23.49 -4.30 9.46
C PHE A 367 23.53 -5.58 10.30
N GLN A 368 23.68 -5.43 11.62
CA GLN A 368 23.95 -6.52 12.54
C GLN A 368 22.83 -6.68 13.56
N TRP A 369 22.40 -7.93 13.80
CA TRP A 369 21.44 -8.17 14.88
C TRP A 369 21.69 -9.55 15.48
N LEU A 370 21.00 -9.80 16.60
CA LEU A 370 21.25 -10.97 17.43
C LEU A 370 20.08 -11.96 17.33
N GLU A 371 20.39 -13.22 17.66
CA GLU A 371 19.34 -14.22 17.77
C GLU A 371 18.35 -13.86 18.88
N GLU A 372 18.84 -13.25 19.96
CA GLU A 372 17.97 -12.73 21.02
C GLU A 372 18.12 -11.20 21.05
N THR A 373 17.05 -10.50 20.70
CA THR A 373 17.06 -9.03 20.68
C THR A 373 17.20 -8.47 22.09
N PRO A 374 18.18 -7.61 22.36
CA PRO A 374 18.29 -7.04 23.71
C PRO A 374 17.13 -6.10 23.99
N ILE A 375 16.63 -6.15 25.23
CA ILE A 375 15.51 -5.34 25.69
C ILE A 375 15.94 -4.64 26.97
N PHE A 376 15.79 -3.32 27.00
CA PHE A 376 16.15 -2.52 28.16
C PHE A 376 14.93 -1.74 28.62
N THR A 377 14.77 -1.59 29.93
CA THR A 377 13.79 -0.62 30.39
C THR A 377 14.34 0.78 30.16
N TYR A 378 13.42 1.76 30.13
CA TYR A 378 13.84 3.14 30.02
C TYR A 378 14.79 3.50 31.16
N GLU A 379 14.41 3.16 32.39
CA GLU A 379 15.30 3.36 33.53
C GLU A 379 16.69 2.74 33.30
N GLU A 380 16.72 1.51 32.81
CA GLU A 380 18.02 0.88 32.50
C GLU A 380 18.81 1.72 31.50
N ALA A 381 18.17 2.10 30.40
CA ALA A 381 18.88 2.84 29.37
C ALA A 381 19.44 4.14 29.90
N ILE A 382 18.66 4.83 30.75
CA ILE A 382 19.14 6.08 31.33
C ILE A 382 20.34 5.82 32.23
N LYS A 383 20.27 4.75 33.05
CA LYS A 383 21.39 4.43 33.92
C LYS A 383 22.64 4.08 33.12
N MET A 384 22.47 3.39 31.99
CA MET A 384 23.60 3.10 31.10
C MET A 384 24.24 4.39 30.59
N LEU A 385 23.41 5.34 30.13
CA LEU A 385 23.94 6.61 29.63
C LEU A 385 24.67 7.38 30.72
N ILE A 386 24.13 7.37 31.93
CA ILE A 386 24.75 8.12 33.03
C ILE A 386 26.06 7.45 33.43
N GLN A 387 26.04 6.13 33.61
CA GLN A 387 27.25 5.40 33.99
C GLN A 387 28.35 5.57 32.96
N HIS A 388 28.00 5.81 31.70
CA HIS A 388 29.02 6.01 30.68
C HIS A 388 29.45 7.47 30.55
N GLY A 389 29.02 8.34 31.46
CA GLY A 389 29.37 9.74 31.40
C GLY A 389 28.73 10.53 30.27
N LYS A 390 27.74 9.97 29.56
CA LYS A 390 27.15 10.70 28.45
C LYS A 390 25.96 11.56 28.87
N LEU A 391 25.47 11.40 30.09
CA LEU A 391 24.26 12.06 30.54
C LEU A 391 24.39 12.35 32.02
N HIS A 392 23.99 13.57 32.42
CA HIS A 392 24.05 13.99 33.81
C HIS A 392 22.68 14.54 34.20
N LEU A 393 22.10 13.94 35.22
CA LEU A 393 20.81 14.38 35.66
C LEU A 393 20.67 14.22 37.12
N LYS A 394 19.83 15.04 37.71
CA LYS A 394 19.53 14.91 39.12
C LYS A 394 18.64 13.68 39.24
N GLU A 395 18.64 13.02 40.38
CA GLU A 395 17.80 11.82 40.57
C GLU A 395 16.30 12.12 40.40
N GLU A 396 15.89 13.30 40.87
CA GLU A 396 14.54 13.84 40.79
C GLU A 396 14.07 13.96 39.34
N GLU A 397 14.98 14.34 38.45
CA GLU A 397 14.67 14.54 37.05
C GLU A 397 14.77 13.28 36.21
N ILE A 398 15.09 12.16 36.84
CA ILE A 398 15.23 10.92 36.10
C ILE A 398 13.95 10.47 35.41
N LEU A 399 12.80 10.70 36.03
CA LEU A 399 11.53 10.27 35.45
C LEU A 399 10.95 11.19 34.36
N ALA A 400 11.37 12.44 34.34
CA ALA A 400 10.88 13.39 33.36
C ALA A 400 11.78 13.52 32.14
N TYR A 401 12.92 12.84 32.11
CA TYR A 401 13.87 13.05 31.04
C TYR A 401 13.37 12.46 29.73
N ASP A 402 13.56 13.22 28.65
CA ASP A 402 13.17 12.84 27.30
C ASP A 402 14.42 12.82 26.44
N MET A 403 14.74 11.70 25.84
CA MET A 403 15.96 11.60 25.07
C MET A 403 16.01 12.33 23.77
N SER A 404 17.13 12.97 23.55
CA SER A 404 17.38 13.66 22.28
C SER A 404 17.84 12.65 21.22
N THR A 405 17.90 13.09 19.97
CA THR A 405 18.37 12.17 18.95
C THR A 405 19.87 11.91 19.08
N ASP A 406 20.64 12.94 19.47
CA ASP A 406 22.05 12.73 19.77
C ASP A 406 22.22 11.67 20.85
N MET A 407 21.42 11.75 21.92
CA MET A 407 21.51 10.77 22.98
C MET A 407 21.07 9.39 22.49
N GLU A 408 20.10 9.33 21.56
CA GLU A 408 19.73 8.06 20.92
C GLU A 408 20.96 7.42 20.31
N LYS A 409 21.72 8.19 19.54
CA LYS A 409 22.91 7.65 18.91
C LYS A 409 23.97 7.24 19.93
N GLU A 410 24.06 7.97 21.05
CA GLU A 410 25.03 7.60 22.08
C GLU A 410 24.68 6.24 22.70
N LEU A 411 23.40 6.06 23.07
CA LEU A 411 22.96 4.75 23.54
C LEU A 411 23.24 3.69 22.49
N GLY A 412 23.04 4.02 21.22
CA GLY A 412 23.33 3.07 20.16
C GLY A 412 24.78 2.63 20.15
N LYS A 413 25.70 3.59 20.35
CA LYS A 413 27.12 3.25 20.38
C LYS A 413 27.45 2.35 21.56
N ILE A 414 26.92 2.70 22.74
CA ILE A 414 27.13 1.88 23.92
C ILE A 414 26.68 0.44 23.66
N VAL A 415 25.47 0.29 23.12
CA VAL A 415 24.88 -1.05 22.95
C VAL A 415 25.61 -1.81 21.85
N LYS A 416 26.05 -1.11 20.80
CA LYS A 416 26.86 -1.75 19.77
C LYS A 416 28.14 -2.32 20.38
N ALA A 417 28.78 -1.58 21.29
CA ALA A 417 30.04 -2.06 21.85
C ALA A 417 29.83 -3.18 22.87
N SER A 418 28.73 -3.16 23.62
CA SER A 418 28.54 -4.16 24.67
C SER A 418 27.80 -5.41 24.19
N HIS A 419 26.93 -5.29 23.19
CA HIS A 419 26.10 -6.39 22.73
C HIS A 419 26.32 -6.74 21.27
N HIS A 420 27.14 -5.97 20.55
CA HIS A 420 27.49 -6.27 19.16
C HIS A 420 26.25 -6.39 18.28
N THR A 421 25.33 -5.42 18.44
CA THR A 421 24.11 -5.40 17.64
C THR A 421 23.77 -3.95 17.29
N ASP A 422 23.10 -3.80 16.15
CA ASP A 422 22.53 -2.53 15.72
C ASP A 422 21.04 -2.40 16.05
N TYR A 423 20.44 -3.39 16.70
CA TYR A 423 18.99 -3.45 16.82
C TYR A 423 18.63 -3.77 18.26
N TYR A 424 17.81 -2.93 18.88
CA TYR A 424 17.45 -3.25 20.25
C TYR A 424 16.14 -2.57 20.61
N ILE A 425 15.65 -2.87 21.81
CA ILE A 425 14.31 -2.45 22.23
C ILE A 425 14.40 -1.76 23.58
N ILE A 426 13.66 -0.67 23.72
CA ILE A 426 13.44 -0.01 25.01
C ILE A 426 11.96 -0.11 25.34
N ILE A 427 11.64 -0.51 26.58
CA ILE A 427 10.28 -0.62 27.08
C ILE A 427 10.14 0.24 28.33
N ASN A 428 8.90 0.42 28.75
CA ASN A 428 8.56 1.00 30.06
C ASN A 428 8.90 2.48 30.15
N PHE A 429 8.58 3.25 29.11
CA PHE A 429 8.74 4.70 29.16
C PHE A 429 7.82 5.30 30.22
N PRO A 430 8.17 6.46 30.77
CA PRO A 430 7.28 7.12 31.73
C PRO A 430 5.96 7.51 31.09
N SER A 431 4.87 7.27 31.82
CA SER A 431 3.53 7.53 31.29
C SER A 431 3.35 8.98 30.86
N ALA A 432 3.97 9.92 31.56
CA ALA A 432 3.82 11.32 31.21
C ALA A 432 4.44 11.66 29.87
N LEU A 433 5.32 10.80 29.34
CA LEU A 433 5.97 11.09 28.07
C LEU A 433 5.33 10.41 26.87
N ARG A 434 4.22 9.69 27.06
CA ARG A 434 3.58 8.89 26.02
C ARG A 434 2.15 9.36 25.75
N PRO A 435 1.58 9.03 24.60
CA PRO A 435 0.23 9.51 24.26
C PRO A 435 -0.84 8.99 25.23
N PHE A 436 -2.01 9.63 25.14
CA PHE A 436 -3.12 9.41 26.07
C PHE A 436 -3.70 8.02 25.98
N TYR A 437 -3.51 7.31 24.86
CA TYR A 437 -4.06 5.98 24.69
C TYR A 437 -3.15 4.90 25.28
N THR A 438 -1.99 5.30 25.81
CA THR A 438 -1.01 4.35 26.35
C THR A 438 -1.49 3.84 27.69
N MET A 439 -1.56 2.53 27.85
CA MET A 439 -1.91 1.95 29.13
C MET A 439 -0.70 1.99 30.07
N TYR A 440 -0.92 2.47 31.28
CA TYR A 440 0.09 2.52 32.32
C TYR A 440 0.04 1.25 33.17
N LYS A 441 1.13 1.00 33.88
CA LYS A 441 1.13 -0.13 34.82
C LYS A 441 0.24 0.21 36.00
N GLU A 442 -0.80 -0.62 36.22
CA GLU A 442 -1.67 -0.36 37.36
C GLU A 442 -0.91 -0.42 38.68
N ASP A 443 0.14 -1.25 38.75
CA ASP A 443 1.00 -1.26 39.93
C ASP A 443 1.61 0.11 40.18
N GLU A 444 2.28 0.68 39.17
CA GLU A 444 2.95 1.98 39.27
C GLU A 444 2.58 2.83 38.07
N PRO A 445 1.56 3.70 38.19
CA PRO A 445 1.05 4.42 37.01
C PRO A 445 2.04 5.40 36.39
N ALA A 446 3.15 5.72 37.04
CA ALA A 446 4.13 6.62 36.42
C ALA A 446 4.83 5.95 35.25
N ILE A 447 4.79 4.63 35.18
CA ILE A 447 5.43 3.85 34.13
C ILE A 447 4.32 3.24 33.28
N SER A 448 4.56 3.15 31.97
CA SER A 448 3.57 2.66 31.02
C SER A 448 4.07 1.41 30.29
N ASN A 449 3.15 0.68 29.68
CA ASN A 449 3.51 -0.51 28.91
C ASN A 449 3.69 -0.14 27.44
N SER A 450 4.82 0.54 27.19
CA SER A 450 5.14 1.17 25.92
C SER A 450 6.54 0.73 25.48
N TYR A 451 6.85 0.96 24.20
CA TYR A 451 8.10 0.45 23.64
C TYR A 451 8.49 1.24 22.39
N ASP A 452 9.81 1.40 22.23
CA ASP A 452 10.42 1.85 20.99
C ASP A 452 11.45 0.80 20.55
N PHE A 453 11.59 0.64 19.24
CA PHE A 453 12.65 -0.17 18.66
C PHE A 453 13.68 0.75 18.00
N PHE A 454 14.93 0.30 17.97
CA PHE A 454 16.03 1.11 17.47
C PHE A 454 16.88 0.33 16.48
N MET A 455 17.27 1.03 15.40
CA MET A 455 18.21 0.56 14.40
C MET A 455 19.36 1.56 14.30
N ARG A 456 20.60 1.06 14.39
CA ARG A 456 21.79 1.90 14.50
C ARG A 456 21.59 3.02 15.52
N GLY A 457 20.89 2.71 16.60
CA GLY A 457 20.69 3.67 17.66
C GLY A 457 19.57 4.66 17.46
N GLU A 458 18.80 4.58 16.38
CA GLU A 458 17.78 5.59 16.13
C GLU A 458 16.40 4.94 16.01
N GLU A 459 15.38 5.68 16.43
CA GLU A 459 14.04 5.16 16.57
C GLU A 459 13.44 4.80 15.21
N ILE A 460 12.92 3.57 15.09
CA ILE A 460 12.18 3.16 13.88
C ILE A 460 10.71 2.85 14.16
N LEU A 461 10.37 2.49 15.40
CA LEU A 461 9.04 2.02 15.76
C LEU A 461 8.66 2.61 17.10
N SER A 462 7.39 2.90 17.28
CA SER A 462 6.83 3.40 18.50
C SER A 462 5.53 2.63 18.73
N GLY A 463 5.22 2.26 19.95
CA GLY A 463 4.01 1.49 20.17
C GLY A 463 3.70 1.34 21.64
N SER A 464 2.56 0.70 21.89
CA SER A 464 2.18 0.45 23.29
C SER A 464 0.96 -0.48 23.36
N GLN A 465 0.82 -1.10 24.53
CA GLN A 465 -0.46 -1.60 25.00
C GLN A 465 -1.43 -0.45 25.10
N ARG A 466 -2.65 -0.65 24.60
CA ARG A 466 -3.63 0.42 24.61
C ARG A 466 -4.52 0.35 25.84
N ILE A 467 -5.10 1.51 26.17
CA ILE A 467 -6.18 1.50 27.15
C ILE A 467 -7.41 0.91 26.49
N SER A 468 -7.91 -0.20 27.01
CA SER A 468 -9.06 -0.86 26.42
C SER A 468 -10.24 -0.88 27.38
N ASP A 469 -10.22 -0.03 28.40
CA ASP A 469 -11.35 0.14 29.31
C ASP A 469 -11.86 1.56 29.12
N VAL A 470 -13.13 1.70 28.73
CA VAL A 470 -13.59 3.00 28.26
C VAL A 470 -13.57 4.03 29.39
N ASN A 471 -13.78 3.60 30.64
CA ASN A 471 -13.74 4.54 31.75
C ASN A 471 -12.32 4.99 32.05
N LEU A 472 -11.35 4.06 32.01
CA LEU A 472 -9.95 4.47 32.13
C LEU A 472 -9.55 5.37 30.97
N LEU A 473 -10.07 5.11 29.77
CA LEU A 473 -9.75 5.95 28.62
C LEU A 473 -10.24 7.37 28.85
N LEU A 474 -11.49 7.53 29.31
CA LEU A 474 -12.01 8.86 29.59
C LEU A 474 -11.19 9.56 30.67
N GLU A 475 -10.80 8.82 31.72
CA GLU A 475 -9.98 9.40 32.77
C GLU A 475 -8.63 9.87 32.25
N ASN A 476 -8.00 9.08 31.37
CA ASN A 476 -6.69 9.49 30.87
C ASN A 476 -6.81 10.68 29.91
N ILE A 477 -7.87 10.70 29.10
CA ILE A 477 -8.11 11.87 28.24
C ILE A 477 -8.26 13.12 29.09
N LYS A 478 -9.00 13.01 30.20
CA LYS A 478 -9.10 14.13 31.13
C LYS A 478 -7.74 14.48 31.72
N ARG A 479 -6.93 13.46 32.02
CA ARG A 479 -5.62 13.66 32.63
C ARG A 479 -4.68 14.42 31.71
N PHE A 480 -4.80 14.23 30.40
CA PHE A 480 -3.98 14.93 29.40
C PHE A 480 -4.60 16.23 28.93
N ASN A 481 -5.63 16.73 29.62
CA ASN A 481 -6.36 17.95 29.25
C ASN A 481 -6.74 17.94 27.77
N LEU A 482 -7.34 16.83 27.35
CA LEU A 482 -7.86 16.72 25.99
C LEU A 482 -9.37 16.86 25.98
N ASP A 483 -9.91 17.16 24.82
CA ASP A 483 -11.32 17.35 24.68
C ASP A 483 -11.96 16.10 24.21
N ALA A 484 -12.75 15.50 25.07
CA ALA A 484 -13.45 14.27 24.79
C ALA A 484 -14.44 14.39 23.66
N ASN A 485 -15.05 15.55 23.50
CA ASN A 485 -16.01 15.78 22.45
C ASN A 485 -15.38 15.59 21.10
N LYS A 486 -14.18 16.07 20.92
CA LYS A 486 -13.47 15.88 19.68
C LYS A 486 -13.13 14.41 19.36
N LEU A 487 -12.99 13.57 20.37
CA LEU A 487 -12.68 12.17 20.23
C LEU A 487 -13.88 11.25 20.43
N ASN A 488 -15.09 11.76 20.33
CA ASN A 488 -16.23 10.91 20.62
C ASN A 488 -16.42 9.64 19.86
N PHE A 489 -16.28 9.68 18.54
CA PHE A 489 -16.49 8.49 17.76
C PHE A 489 -15.48 7.46 18.17
N TYR A 490 -14.31 7.91 18.52
CA TYR A 490 -13.27 6.97 18.94
C TYR A 490 -13.60 6.40 20.32
N ILE A 491 -13.93 7.28 21.28
CA ILE A 491 -14.23 6.81 22.64
C ILE A 491 -15.41 5.85 22.61
N ASP A 492 -16.46 6.22 21.87
CA ASP A 492 -17.63 5.37 21.77
C ASP A 492 -17.28 3.96 21.32
N SER A 493 -16.24 3.80 20.48
CA SER A 493 -15.95 2.47 19.98
C SER A 493 -15.44 1.53 21.06
N PHE A 494 -15.12 2.04 22.24
CA PHE A 494 -14.76 1.22 23.39
C PHE A 494 -15.95 0.91 24.29
N ALA A 495 -17.14 1.43 23.99
CA ALA A 495 -18.26 1.37 24.91
C ALA A 495 -19.09 0.09 24.80
N TYR A 496 -18.85 -0.73 23.77
CA TYR A 496 -19.57 -1.98 23.57
C TYR A 496 -18.57 -3.13 23.63
N SER A 497 -17.68 -3.06 24.63
CA SER A 497 -16.61 -4.01 24.95
C SER A 497 -15.38 -3.72 24.12
N SER A 498 -14.21 -4.10 24.61
CA SER A 498 -12.95 -3.86 23.93
C SER A 498 -12.00 -5.00 24.26
N TYR A 499 -11.45 -5.64 23.23
CA TYR A 499 -10.44 -6.65 23.48
C TYR A 499 -9.16 -5.99 23.96
N PRO A 500 -8.40 -6.66 24.83
CA PRO A 500 -7.05 -6.19 25.13
C PRO A 500 -6.21 -6.15 23.86
N HIS A 501 -5.53 -5.02 23.63
CA HIS A 501 -4.81 -4.90 22.37
C HIS A 501 -3.64 -3.94 22.50
N SER A 502 -2.77 -4.00 21.48
CA SER A 502 -1.60 -3.16 21.38
C SER A 502 -1.34 -2.85 19.92
N GLY A 503 -0.39 -1.96 19.70
CA GLY A 503 -0.01 -1.75 18.32
C GLY A 503 1.31 -1.01 18.24
N CYS A 504 1.69 -0.69 16.99
CA CYS A 504 2.90 0.05 16.71
C CYS A 504 2.81 0.76 15.35
N GLY A 505 3.59 1.84 15.24
CA GLY A 505 3.79 2.55 13.99
C GLY A 505 5.27 2.63 13.65
N ILE A 506 5.58 2.50 12.35
CA ILE A 506 6.91 2.28 11.83
C ILE A 506 7.15 3.23 10.67
N GLY A 507 8.32 3.89 10.65
CA GLY A 507 8.61 4.65 9.44
C GLY A 507 9.33 3.83 8.37
N LEU A 508 8.72 3.64 7.20
CA LEU A 508 9.35 2.86 6.14
C LEU A 508 10.66 3.47 5.67
N GLU A 509 10.66 4.78 5.36
CA GLU A 509 11.87 5.44 4.89
C GLU A 509 12.94 5.44 5.98
N ARG A 510 12.55 5.59 7.24
CA ARG A 510 13.56 5.58 8.28
C ARG A 510 14.18 4.18 8.44
N VAL A 511 13.35 3.13 8.35
CA VAL A 511 13.87 1.76 8.45
C VAL A 511 14.88 1.50 7.34
N LEU A 512 14.56 1.91 6.11
CA LEU A 512 15.48 1.70 4.99
C LEU A 512 16.77 2.52 5.15
N MET A 513 16.64 3.80 5.51
CA MET A 513 17.78 4.66 5.75
C MET A 513 18.74 4.07 6.78
N LEU A 514 18.20 3.64 7.93
CA LEU A 514 19.05 3.14 9.01
C LEU A 514 19.58 1.74 8.74
N PHE A 515 18.84 0.92 7.97
CA PHE A 515 19.39 -0.35 7.53
C PHE A 515 20.61 -0.14 6.66
N LEU A 516 20.52 0.80 5.71
CA LEU A 516 21.65 1.03 4.82
C LEU A 516 22.70 1.97 5.41
N GLY A 517 22.44 2.61 6.55
CA GLY A 517 23.41 3.55 7.08
C GLY A 517 23.49 4.84 6.30
N LEU A 518 22.46 5.16 5.52
CA LEU A 518 22.46 6.39 4.73
C LEU A 518 22.37 7.60 5.65
N ASN A 519 22.85 8.74 5.15
CA ASN A 519 23.00 9.91 6.01
C ASN A 519 21.77 10.79 6.08
N ASN A 520 20.73 10.54 5.29
CA ASN A 520 19.64 11.49 5.22
C ASN A 520 18.41 10.75 4.70
N ILE A 521 17.27 11.01 5.34
CA ILE A 521 16.05 10.30 4.98
C ILE A 521 15.54 10.72 3.61
N ARG A 522 15.99 11.88 3.10
CA ARG A 522 15.66 12.25 1.73
C ARG A 522 16.25 11.27 0.71
N LYS A 523 17.19 10.42 1.13
CA LYS A 523 17.68 9.41 0.21
C LYS A 523 16.74 8.22 0.07
N THR A 524 15.81 8.03 1.02
CA THR A 524 14.94 6.84 1.02
C THR A 524 13.46 7.18 0.82
N SER A 525 13.15 8.41 0.42
CA SER A 525 11.81 8.83 0.05
C SER A 525 11.88 9.31 -1.40
N LEU A 526 10.99 8.81 -2.26
CA LEU A 526 11.11 9.05 -3.70
C LEU A 526 11.11 10.53 -4.02
N PHE A 527 10.08 11.23 -3.58
CA PHE A 527 9.95 12.66 -3.84
C PHE A 527 9.75 13.36 -2.50
N PRO A 528 10.85 13.64 -1.79
CA PRO A 528 10.76 14.05 -0.37
C PRO A 528 9.93 15.30 -0.17
N ARG A 529 9.31 15.38 1.01
CA ARG A 529 8.56 16.56 1.45
C ARG A 529 9.14 17.03 2.77
N ASP A 530 9.58 18.29 2.81
CA ASP A 530 10.02 18.85 4.08
C ASP A 530 9.58 20.31 4.11
N PRO A 531 9.75 21.04 5.22
CA PRO A 531 9.17 22.41 5.28
C PRO A 531 9.64 23.33 4.17
N LYS A 532 10.77 23.06 3.51
CA LYS A 532 11.25 23.88 2.41
C LYS A 532 11.19 23.19 1.04
N ARG A 533 10.51 22.05 0.93
CA ARG A 533 10.45 21.32 -0.32
C ARG A 533 9.04 20.79 -0.55
N LEU A 534 8.31 21.44 -1.45
CA LEU A 534 7.05 20.97 -2.00
C LEU A 534 7.20 20.42 -3.42
N ILE A 535 8.36 20.60 -4.05
CA ILE A 535 8.58 20.24 -5.44
C ILE A 535 9.82 19.35 -5.56
N PRO A 536 9.86 18.41 -6.51
CA PRO A 536 8.77 18.06 -7.41
C PRO A 536 7.62 17.37 -6.68
N LYS B 7 -32.06 -7.24 48.51
CA LYS B 7 -31.93 -6.13 47.58
C LYS B 7 -30.46 -5.93 47.20
N ASN B 8 -29.67 -5.45 48.16
CA ASN B 8 -28.23 -5.39 47.96
C ASN B 8 -27.65 -6.79 47.77
N GLU B 9 -28.29 -7.80 48.37
CA GLU B 9 -27.82 -9.17 48.26
C GLU B 9 -27.71 -9.61 46.81
N ALA B 10 -28.84 -9.63 46.10
CA ALA B 10 -28.85 -10.14 44.73
C ALA B 10 -27.99 -9.31 43.79
N THR B 11 -28.10 -7.98 43.87
CA THR B 11 -27.30 -7.14 42.99
C THR B 11 -25.82 -7.19 43.33
N LYS B 12 -25.45 -7.69 44.51
CA LYS B 12 -24.03 -7.95 44.76
C LYS B 12 -23.52 -9.10 43.91
N VAL B 13 -24.36 -10.11 43.66
CA VAL B 13 -23.89 -11.20 42.81
C VAL B 13 -24.04 -10.87 41.33
N LEU B 14 -25.00 -10.00 40.98
CA LEU B 14 -25.09 -9.57 39.57
C LEU B 14 -23.84 -8.81 39.14
N GLU B 15 -23.24 -8.04 40.05
CA GLU B 15 -22.03 -7.30 39.77
C GLU B 15 -20.79 -7.95 40.38
N HIS B 16 -20.83 -9.26 40.61
CA HIS B 16 -19.78 -9.95 41.32
C HIS B 16 -18.45 -9.93 40.56
N VAL B 17 -17.38 -9.58 41.26
CA VAL B 17 -16.02 -9.56 40.74
C VAL B 17 -15.27 -10.75 41.31
N CYS B 18 -14.63 -11.53 40.45
CA CYS B 18 -13.89 -12.71 40.87
C CYS B 18 -12.48 -12.34 41.31
N GLU B 19 -12.04 -12.92 42.44
CA GLU B 19 -10.73 -12.65 42.99
C GLU B 19 -9.75 -13.81 42.85
N ASP B 20 -10.23 -15.02 42.61
CA ASP B 20 -9.38 -16.17 42.34
C ASP B 20 -10.15 -17.08 41.41
N ILE B 21 -9.68 -17.21 40.16
CA ILE B 21 -10.41 -18.02 39.19
C ILE B 21 -10.41 -19.50 39.57
N ASN B 22 -9.40 -19.94 40.33
CA ASN B 22 -9.41 -21.31 40.81
C ASN B 22 -10.56 -21.54 41.79
N LYS B 23 -10.63 -20.72 42.84
CA LYS B 23 -11.63 -20.91 43.89
C LYS B 23 -13.05 -20.58 43.45
N GLU B 24 -13.24 -19.98 42.27
CA GLU B 24 -14.55 -19.54 41.79
C GLU B 24 -14.78 -20.03 40.37
N SER B 25 -15.98 -19.76 39.87
CA SER B 25 -16.37 -20.25 38.56
C SER B 25 -17.06 -19.22 37.69
N TYR B 26 -17.20 -17.97 38.15
CA TYR B 26 -17.80 -16.91 37.35
C TYR B 26 -17.50 -15.57 38.03
N GLY B 27 -17.64 -14.50 37.28
CA GLY B 27 -17.41 -13.16 37.78
C GLY B 27 -16.67 -12.29 36.78
N PHE B 28 -16.78 -10.98 36.96
CA PHE B 28 -15.93 -10.05 36.24
C PHE B 28 -14.51 -10.16 36.76
N VAL B 29 -13.55 -10.19 35.85
CA VAL B 29 -12.17 -10.42 36.23
C VAL B 29 -11.25 -9.52 35.42
N LYS B 30 -10.31 -8.88 36.09
CA LYS B 30 -9.26 -8.16 35.38
C LYS B 30 -8.30 -9.16 34.74
N ILE B 31 -7.73 -8.76 33.59
CA ILE B 31 -6.76 -9.59 32.90
C ILE B 31 -5.61 -9.95 33.85
N SER B 32 -5.21 -9.00 34.70
CA SER B 32 -4.18 -9.24 35.70
C SER B 32 -4.45 -10.49 36.53
N LYS B 33 -5.71 -10.70 36.91
CA LYS B 33 -6.07 -11.81 37.79
C LYS B 33 -6.25 -13.13 37.05
N MET B 34 -6.17 -13.16 35.73
CA MET B 34 -6.37 -14.43 35.06
C MET B 34 -5.14 -15.32 35.10
N LYS B 35 -4.81 -15.84 36.28
CA LYS B 35 -3.68 -16.74 36.43
C LYS B 35 -4.06 -18.00 37.19
N GLU B 36 -4.80 -18.88 36.53
CA GLU B 36 -5.20 -20.13 37.12
C GLU B 36 -4.01 -21.00 36.96
N ASN B 37 -3.48 -21.52 38.08
CA ASN B 37 -2.29 -22.36 38.05
C ASN B 37 -1.17 -21.66 37.27
N GLU B 38 -0.91 -20.41 37.66
CA GLU B 38 0.08 -19.53 37.04
C GLU B 38 -0.12 -19.24 35.56
N LYS B 39 -1.37 -19.09 35.14
CA LYS B 39 -1.69 -18.70 33.76
C LYS B 39 -1.11 -19.51 32.60
N GLU B 40 -1.14 -20.82 32.70
CA GLU B 40 -0.66 -21.62 31.59
C GLU B 40 -1.89 -21.85 30.75
N ILE B 41 -2.77 -20.87 30.70
CA ILE B 41 -4.00 -21.02 29.93
C ILE B 41 -3.66 -21.02 28.45
N ARG B 42 -4.12 -22.06 27.74
CA ARG B 42 -4.01 -22.15 26.29
C ARG B 42 -5.33 -21.64 25.72
N LEU B 43 -5.40 -20.33 25.49
CA LEU B 43 -6.64 -19.68 25.08
C LEU B 43 -6.84 -19.86 23.57
N PHE B 44 -8.04 -20.23 23.20
CA PHE B 44 -8.40 -20.41 21.82
C PHE B 44 -9.40 -19.38 21.41
N ASN B 45 -9.56 -19.25 20.12
CA ASN B 45 -10.52 -18.36 19.55
C ASN B 45 -11.39 -19.17 18.62
N LEU B 46 -12.53 -18.64 18.26
CA LEU B 46 -13.42 -19.41 17.43
C LEU B 46 -12.85 -19.81 16.08
N GLU B 47 -12.06 -18.96 15.46
CA GLU B 47 -11.50 -19.30 14.17
C GLU B 47 -10.62 -20.52 14.26
N GLU B 48 -9.82 -20.63 15.29
CA GLU B 48 -8.96 -21.79 15.41
C GLU B 48 -9.77 -23.05 15.57
N ILE B 49 -10.81 -22.96 16.38
CA ILE B 49 -11.69 -24.07 16.62
C ILE B 49 -12.36 -24.52 15.36
N TYR B 50 -12.98 -23.60 14.64
CA TYR B 50 -13.62 -23.90 13.37
C TYR B 50 -12.66 -24.64 12.44
N HIS B 51 -11.46 -24.10 12.24
CA HIS B 51 -10.55 -24.67 11.25
C HIS B 51 -10.10 -26.07 11.63
N SER B 52 -9.88 -26.33 12.92
CA SER B 52 -9.43 -27.68 13.28
C SER B 52 -10.58 -28.68 13.29
N LEU B 53 -11.77 -28.28 13.77
CA LEU B 53 -12.88 -29.23 13.84
C LEU B 53 -13.60 -29.36 12.50
N MET B 54 -13.63 -28.31 11.69
CA MET B 54 -14.29 -28.37 10.38
C MET B 54 -13.27 -28.42 9.25
N HIS B 84 -7.40 -33.00 17.96
CA HIS B 84 -7.86 -33.51 19.25
C HIS B 84 -7.96 -32.38 20.28
N LEU B 85 -8.63 -31.30 19.89
CA LEU B 85 -9.00 -30.24 20.83
C LEU B 85 -10.02 -30.71 21.86
N LEU B 86 -10.74 -31.79 21.56
CA LEU B 86 -12.03 -32.08 22.18
C LEU B 86 -11.95 -33.28 23.13
N GLN B 87 -10.75 -33.66 23.55
CA GLN B 87 -10.59 -34.74 24.52
C GLN B 87 -10.55 -34.24 25.95
N SER B 88 -10.62 -32.93 26.17
CA SER B 88 -10.46 -32.36 27.50
C SER B 88 -10.92 -30.90 27.47
N ASP B 89 -11.13 -30.36 28.69
CA ASP B 89 -11.54 -28.97 28.84
C ASP B 89 -10.57 -28.02 28.13
N ILE B 90 -11.12 -26.96 27.54
CA ILE B 90 -10.35 -25.93 26.88
C ILE B 90 -10.88 -24.56 27.31
N TRP B 91 -10.08 -23.52 27.03
CA TRP B 91 -10.49 -22.14 27.25
C TRP B 91 -10.69 -21.45 25.90
N VAL B 92 -11.77 -20.68 25.78
CA VAL B 92 -12.08 -19.95 24.55
C VAL B 92 -12.57 -18.56 24.92
N ARG B 93 -12.24 -17.58 24.07
CA ARG B 93 -12.67 -16.20 24.26
C ARG B 93 -13.61 -15.81 23.13
N GLY B 94 -14.59 -14.96 23.44
CA GLY B 94 -15.41 -14.43 22.37
C GLY B 94 -16.39 -13.41 22.88
N ARG B 95 -17.12 -12.83 21.93
CA ARG B 95 -18.19 -11.89 22.25
C ARG B 95 -19.51 -12.63 22.39
N ILE B 96 -20.33 -12.17 23.35
CA ILE B 96 -21.67 -12.71 23.55
C ILE B 96 -22.58 -12.16 22.47
N HIS B 97 -22.75 -12.93 21.39
CA HIS B 97 -23.61 -12.50 20.30
C HIS B 97 -25.08 -12.60 20.68
N ASP B 98 -25.46 -13.64 21.42
CA ASP B 98 -26.85 -13.73 21.89
C ASP B 98 -26.92 -14.57 23.16
N ILE B 99 -28.00 -14.35 23.92
CA ILE B 99 -28.18 -14.92 25.25
C ILE B 99 -29.63 -15.38 25.44
N ARG B 100 -29.82 -16.59 25.98
CA ARG B 100 -31.13 -17.14 26.33
C ARG B 100 -31.02 -17.81 27.69
N SER B 101 -32.08 -17.74 28.50
CA SER B 101 -32.02 -18.30 29.84
C SER B 101 -33.40 -18.71 30.32
N LYS B 102 -33.56 -19.99 30.68
CA LYS B 102 -34.82 -20.53 31.18
C LYS B 102 -34.51 -21.55 32.26
N GLY B 103 -34.97 -21.28 33.48
CA GLY B 103 -34.84 -22.24 34.57
C GLY B 103 -33.39 -22.56 34.87
N SER B 104 -33.02 -23.83 34.64
CA SER B 104 -31.66 -24.30 34.88
C SER B 104 -30.74 -24.15 33.67
N LEU B 105 -31.27 -23.83 32.49
CA LEU B 105 -30.50 -23.84 31.26
C LEU B 105 -30.28 -22.42 30.73
N ALA B 106 -29.16 -22.24 30.02
CA ALA B 106 -28.76 -20.95 29.47
C ALA B 106 -27.92 -21.16 28.21
N PHE B 107 -28.32 -20.53 27.12
CA PHE B 107 -27.64 -20.63 25.83
C PHE B 107 -26.88 -19.33 25.54
N ILE B 108 -25.63 -19.47 25.15
CA ILE B 108 -24.79 -18.37 24.69
C ILE B 108 -24.39 -18.64 23.26
N ILE B 109 -24.75 -17.74 22.35
CA ILE B 109 -24.14 -17.71 21.02
C ILE B 109 -22.92 -16.81 21.13
N LEU B 110 -21.73 -17.42 21.07
CA LEU B 110 -20.44 -16.75 21.14
C LEU B 110 -19.90 -16.51 19.72
N ARG B 111 -19.36 -15.30 19.49
CA ARG B 111 -19.05 -14.86 18.15
C ARG B 111 -17.63 -14.30 18.07
N HIS B 112 -16.97 -14.55 16.94
CA HIS B 112 -15.63 -14.04 16.66
C HIS B 112 -15.48 -14.01 15.15
N LYS B 113 -15.35 -12.81 14.57
CA LYS B 113 -15.29 -12.63 13.12
C LYS B 113 -16.52 -13.23 12.47
N LEU B 114 -16.33 -14.31 11.72
CA LEU B 114 -17.38 -15.02 10.99
C LEU B 114 -17.94 -16.19 11.77
N TYR B 115 -17.34 -16.55 12.89
CA TYR B 115 -17.55 -17.83 13.53
C TYR B 115 -18.44 -17.69 14.75
N SER B 116 -19.45 -18.57 14.83
CA SER B 116 -20.39 -18.69 15.93
C SER B 116 -20.24 -20.05 16.59
N MET B 117 -20.51 -20.12 17.89
CA MET B 117 -20.55 -21.40 18.58
C MET B 117 -21.52 -21.28 19.76
N GLN B 118 -22.32 -22.33 19.96
CA GLN B 118 -23.25 -22.38 21.07
C GLN B 118 -22.54 -22.96 22.29
N CYS B 119 -22.53 -22.19 23.37
CA CYS B 119 -22.06 -22.65 24.67
C CYS B 119 -23.26 -22.69 25.60
N ILE B 120 -23.25 -23.60 26.56
CA ILE B 120 -24.44 -23.84 27.37
C ILE B 120 -24.06 -23.96 28.83
N LEU B 121 -24.81 -23.25 29.68
CA LEU B 121 -24.70 -23.34 31.13
C LEU B 121 -26.00 -23.94 31.64
N ASP B 122 -25.96 -25.20 32.07
CA ASP B 122 -27.14 -25.87 32.60
C ASP B 122 -26.97 -26.28 34.05
N ILE B 123 -25.90 -25.85 34.70
CA ILE B 123 -25.55 -26.24 36.07
C ILE B 123 -25.51 -27.76 36.16
N LYS B 124 -25.16 -28.41 35.06
CA LYS B 124 -25.06 -29.87 35.03
C LYS B 124 -23.97 -30.35 35.99
N HIS B 125 -22.80 -29.71 35.96
CA HIS B 125 -21.69 -30.04 36.84
C HIS B 125 -21.23 -28.83 37.63
N ASN B 126 -22.12 -27.89 37.93
CA ASN B 126 -21.76 -26.67 38.63
C ASN B 126 -22.38 -26.56 40.01
N ASP B 127 -22.88 -27.66 40.58
CA ASP B 127 -23.38 -27.72 41.95
C ASP B 127 -24.55 -26.77 42.19
N ASN B 128 -25.30 -26.47 41.12
CA ASN B 128 -26.53 -25.66 41.22
C ASN B 128 -26.27 -24.30 41.88
N ASP B 129 -25.27 -23.57 41.36
CA ASP B 129 -24.95 -22.28 41.98
C ASP B 129 -26.12 -21.31 41.88
N LYS B 130 -26.90 -21.37 40.80
CA LYS B 130 -28.11 -20.56 40.65
C LYS B 130 -27.78 -19.07 40.64
N ASN B 131 -27.03 -18.59 41.63
CA ASN B 131 -26.50 -17.23 41.55
C ASN B 131 -25.63 -17.06 40.32
N MET B 132 -24.85 -18.09 39.98
CA MET B 132 -24.13 -18.08 38.72
C MET B 132 -25.07 -17.90 37.54
N MET B 133 -26.24 -18.55 37.58
CA MET B 133 -27.21 -18.43 36.49
C MET B 133 -27.69 -16.98 36.36
N LYS B 134 -28.00 -16.34 37.49
CA LYS B 134 -28.39 -14.95 37.48
C LYS B 134 -27.28 -14.06 36.92
N TRP B 135 -26.04 -14.30 37.36
CA TRP B 135 -24.93 -13.50 36.89
C TRP B 135 -24.75 -13.61 35.38
N VAL B 136 -24.73 -14.85 34.88
CA VAL B 136 -24.51 -15.10 33.45
C VAL B 136 -25.66 -14.54 32.62
N SER B 137 -26.90 -14.77 33.06
CA SER B 137 -28.05 -14.38 32.27
C SER B 137 -28.21 -12.86 32.20
N ASN B 138 -27.55 -12.11 33.07
CA ASN B 138 -27.61 -10.66 33.03
C ASN B 138 -26.48 -10.02 32.24
N LEU B 139 -25.53 -10.80 31.72
CA LEU B 139 -24.44 -10.24 30.94
C LEU B 139 -24.98 -9.51 29.72
N PRO B 140 -24.54 -8.28 29.46
CA PRO B 140 -25.00 -7.56 28.26
C PRO B 140 -24.41 -8.16 26.98
N LEU B 141 -25.18 -8.08 25.90
CA LEU B 141 -24.69 -8.53 24.62
C LEU B 141 -23.45 -7.74 24.22
N GLU B 142 -22.59 -8.39 23.44
CA GLU B 142 -21.30 -7.93 22.92
C GLU B 142 -20.21 -8.02 23.98
N SER B 143 -20.55 -8.38 25.22
CA SER B 143 -19.52 -8.51 26.24
C SER B 143 -18.52 -9.59 25.85
N ILE B 144 -17.26 -9.33 26.15
CA ILE B 144 -16.20 -10.28 25.89
C ILE B 144 -15.99 -11.15 27.12
N VAL B 145 -15.92 -12.45 26.87
CA VAL B 145 -15.98 -13.49 27.87
C VAL B 145 -14.90 -14.53 27.57
N ASP B 146 -14.31 -15.08 28.64
CA ASP B 146 -13.43 -16.26 28.60
C ASP B 146 -14.17 -17.42 29.25
N ILE B 147 -14.50 -18.44 28.46
CA ILE B 147 -15.23 -19.61 28.92
C ILE B 147 -14.26 -20.78 29.02
N LYS B 148 -14.31 -21.50 30.13
CA LYS B 148 -13.65 -22.80 30.25
C LYS B 148 -14.73 -23.86 30.11
N GLY B 149 -14.54 -24.81 29.21
CA GLY B 149 -15.61 -25.75 28.93
C GLY B 149 -15.15 -26.93 28.09
N LYS B 150 -16.09 -27.84 27.87
CA LYS B 150 -15.82 -29.09 27.18
C LYS B 150 -16.57 -29.13 25.86
N LEU B 151 -15.85 -29.40 24.78
CA LEU B 151 -16.47 -29.52 23.46
C LEU B 151 -17.12 -30.88 23.29
N SER B 152 -18.20 -30.90 22.51
CA SER B 152 -18.80 -32.15 22.05
C SER B 152 -19.76 -31.82 20.92
N LYS B 153 -20.09 -32.85 20.11
CA LYS B 153 -20.99 -32.58 19.00
C LYS B 153 -22.41 -32.98 19.38
N PRO B 154 -23.38 -32.11 19.19
CA PRO B 154 -24.77 -32.46 19.55
C PRO B 154 -25.44 -33.26 18.45
N GLU B 155 -26.53 -33.93 18.84
CA GLU B 155 -27.36 -34.64 17.88
C GLU B 155 -27.74 -33.73 16.72
N VAL B 156 -28.31 -32.57 17.04
CA VAL B 156 -28.69 -31.60 16.02
C VAL B 156 -28.10 -30.24 16.38
N PRO B 157 -27.05 -29.79 15.70
CA PRO B 157 -26.48 -28.49 15.99
C PRO B 157 -27.42 -27.37 15.58
N ILE B 158 -27.13 -26.16 16.10
CA ILE B 158 -27.86 -24.98 15.70
C ILE B 158 -27.52 -24.65 14.24
N ASP B 159 -28.54 -24.24 13.48
CA ASP B 159 -28.28 -23.83 12.10
C ASP B 159 -27.51 -22.53 12.01
N SER B 160 -27.41 -21.78 13.12
CA SER B 160 -26.76 -20.47 13.10
C SER B 160 -25.25 -20.61 13.20
N THR B 161 -24.79 -21.43 14.14
CA THR B 161 -23.36 -21.58 14.39
C THR B 161 -22.70 -22.42 13.30
N ASN B 162 -21.79 -21.81 12.53
CA ASN B 162 -21.05 -22.59 11.54
C ASN B 162 -20.06 -23.56 12.18
N ILE B 163 -19.81 -23.43 13.48
CA ILE B 163 -19.15 -24.47 14.26
C ILE B 163 -20.24 -25.39 14.79
N LYS B 164 -20.32 -26.60 14.23
CA LYS B 164 -21.34 -27.60 14.55
C LYS B 164 -21.05 -28.36 15.83
N TYR B 165 -20.11 -27.89 16.64
CA TYR B 165 -19.94 -28.40 17.98
C TYR B 165 -20.50 -27.40 18.98
N GLU B 166 -20.64 -27.86 20.23
CA GLU B 166 -21.06 -27.00 21.32
C GLU B 166 -20.13 -27.19 22.50
N ALA B 167 -20.18 -26.24 23.41
CA ALA B 167 -19.34 -26.23 24.60
C ALA B 167 -20.21 -26.28 25.84
N HIS B 168 -19.86 -27.14 26.78
CA HIS B 168 -20.50 -27.18 28.08
C HIS B 168 -19.64 -26.37 29.04
N ILE B 169 -20.25 -25.36 29.66
CA ILE B 169 -19.53 -24.32 30.39
C ILE B 169 -19.16 -24.83 31.79
N ARG B 170 -17.87 -25.00 32.04
CA ARG B 170 -17.39 -25.28 33.39
C ARG B 170 -17.06 -24.01 34.17
N LYS B 171 -16.79 -22.91 33.46
CA LYS B 171 -16.40 -21.63 34.06
C LYS B 171 -16.56 -20.54 33.01
N ILE B 172 -17.04 -19.37 33.43
CA ILE B 172 -17.21 -18.26 32.51
C ILE B 172 -16.85 -16.96 33.24
N PHE B 173 -15.90 -16.22 32.68
CA PHE B 173 -15.49 -14.94 33.25
C PHE B 173 -15.61 -13.85 32.18
N CYS B 174 -16.07 -12.67 32.59
CA CYS B 174 -16.25 -11.55 31.68
C CYS B 174 -15.07 -10.60 31.82
N ILE B 175 -14.24 -10.52 30.79
CA ILE B 175 -13.12 -9.60 30.82
C ILE B 175 -13.47 -8.22 30.25
N SER B 176 -14.57 -8.10 29.50
CA SER B 176 -14.96 -6.76 29.04
C SER B 176 -16.48 -6.68 28.99
N LYS B 177 -17.05 -5.85 29.85
CA LYS B 177 -18.51 -5.70 29.90
C LYS B 177 -18.94 -4.56 28.99
N THR B 178 -19.94 -4.82 28.16
CA THR B 178 -20.59 -3.76 27.40
C THR B 178 -21.09 -2.69 28.35
N ALA B 179 -20.77 -1.43 28.05
CA ALA B 179 -21.06 -0.32 28.94
C ALA B 179 -22.27 0.49 28.51
N LYS B 180 -22.54 0.52 27.22
CA LYS B 180 -23.60 1.31 26.61
C LYS B 180 -24.55 0.38 25.88
N GLU B 181 -25.84 0.71 25.93
CA GLU B 181 -26.78 0.07 25.02
C GLU B 181 -26.33 0.30 23.57
N LEU B 182 -26.36 -0.75 22.77
CA LEU B 182 -25.93 -0.64 21.39
C LEU B 182 -26.80 0.38 20.65
N PRO B 183 -26.27 1.06 19.64
CA PRO B 183 -27.10 1.97 18.84
C PRO B 183 -28.20 1.25 18.11
N PHE B 184 -27.99 -0.02 17.81
CA PHE B 184 -28.97 -0.90 17.18
C PHE B 184 -28.53 -2.32 17.49
N LEU B 185 -29.46 -3.25 17.37
CA LEU B 185 -29.17 -4.64 17.67
C LEU B 185 -28.47 -5.29 16.48
N LEU B 186 -27.53 -6.19 16.78
CA LEU B 186 -26.84 -6.87 15.69
C LEU B 186 -27.79 -7.80 14.93
N LYS B 187 -28.69 -8.48 15.63
CA LYS B 187 -29.65 -9.34 14.96
C LYS B 187 -30.43 -8.57 13.90
N ASP B 188 -30.75 -7.31 14.18
CA ASP B 188 -31.43 -6.47 13.20
C ASP B 188 -30.48 -6.07 12.07
N ALA B 189 -29.28 -5.61 12.42
CA ALA B 189 -28.35 -5.15 11.39
C ALA B 189 -27.88 -6.28 10.48
N ASN B 190 -27.89 -7.52 10.97
CA ASN B 190 -27.50 -8.70 10.20
C ASN B 190 -28.56 -9.18 9.21
N MET B 191 -29.77 -8.69 9.29
CA MET B 191 -30.87 -9.28 8.55
C MET B 191 -31.06 -8.66 7.17
N LYS B 192 -31.39 -9.51 6.21
CA LYS B 192 -31.79 -9.08 4.87
C LYS B 192 -33.05 -8.22 4.96
N GLU B 193 -33.09 -7.16 4.14
CA GLU B 193 -34.12 -6.14 4.24
C GLU B 193 -35.41 -6.64 3.59
N THR B 194 -36.49 -6.79 4.33
CA THR B 194 -37.73 -7.28 3.70
C THR B 194 -38.58 -6.22 3.06
N ASN B 195 -38.33 -4.97 3.39
CA ASN B 195 -39.04 -3.82 2.85
C ASN B 195 -40.56 -3.79 3.11
N GLU B 196 -40.97 -4.36 4.23
CA GLU B 196 -42.37 -4.36 4.67
C GLU B 196 -42.70 -3.01 5.29
N GLU B 197 -43.99 -2.74 5.50
CA GLU B 197 -44.36 -1.45 6.05
C GLU B 197 -43.75 -1.21 7.42
N GLY B 198 -43.79 -2.21 8.28
CA GLY B 198 -43.26 -2.06 9.63
C GLY B 198 -41.96 -2.81 9.79
N SER B 199 -41.29 -3.04 8.67
CA SER B 199 -40.06 -3.82 8.63
C SER B 199 -38.87 -3.28 9.40
N ILE B 200 -38.04 -4.21 9.86
CA ILE B 200 -36.84 -3.90 10.58
C ILE B 200 -35.74 -3.51 9.60
N LYS B 201 -35.26 -2.29 9.69
CA LYS B 201 -34.23 -1.79 8.79
C LYS B 201 -33.38 -0.74 9.48
N VAL B 202 -32.06 -0.89 9.44
CA VAL B 202 -31.12 0.03 10.06
C VAL B 202 -30.55 0.93 8.96
N ASN B 203 -30.79 2.24 9.07
CA ASN B 203 -30.44 3.18 8.00
C ASN B 203 -28.93 3.24 7.77
N GLN B 204 -28.54 3.64 6.57
CA GLN B 204 -27.14 3.80 6.22
C GLN B 204 -26.51 4.79 7.15
N ASP B 205 -27.21 5.87 7.42
CA ASP B 205 -26.72 6.92 8.29
C ASP B 205 -26.43 6.40 9.65
N ASN B 206 -27.33 5.60 10.17
CA ASN B 206 -27.17 5.06 11.48
C ASN B 206 -25.98 4.16 11.50
N ARG B 207 -25.84 3.34 10.48
CA ARG B 207 -24.71 2.46 10.43
C ARG B 207 -23.37 3.16 10.26
N LEU B 208 -23.29 4.16 9.42
CA LEU B 208 -22.04 4.87 9.23
C LEU B 208 -21.63 5.65 10.46
N ASN B 209 -22.59 6.24 11.15
CA ASN B 209 -22.38 6.96 12.38
C ASN B 209 -21.86 6.05 13.48
N ASN B 210 -22.34 4.82 13.50
CA ASN B 210 -21.95 3.81 14.45
C ASN B 210 -21.18 2.66 13.82
N ARG B 211 -20.22 3.01 12.99
CA ARG B 211 -19.46 2.05 12.20
C ARG B 211 -18.77 0.97 12.98
N CYS B 212 -18.25 1.26 14.15
CA CYS B 212 -17.61 0.23 14.93
C CYS B 212 -18.56 -0.92 15.29
N VAL B 213 -19.85 -0.67 15.35
CA VAL B 213 -20.82 -1.73 15.57
C VAL B 213 -21.29 -2.32 14.25
N ASP B 214 -21.60 -1.45 13.28
CA ASP B 214 -21.98 -1.88 11.94
C ASP B 214 -21.03 -2.92 11.38
N LEU B 215 -19.72 -2.72 11.56
CA LEU B 215 -18.69 -3.62 11.07
C LEU B 215 -18.72 -5.00 11.71
N ARG B 216 -19.53 -5.20 12.76
CA ARG B 216 -19.57 -6.51 13.41
C ARG B 216 -20.50 -7.49 12.71
N THR B 217 -21.35 -7.03 11.80
CA THR B 217 -22.22 -7.95 11.08
C THR B 217 -21.38 -8.89 10.24
N TYR B 218 -21.91 -10.10 10.00
CA TYR B 218 -21.17 -11.09 9.26
C TYR B 218 -20.82 -10.59 7.86
N ALA B 219 -21.77 -9.94 7.18
CA ALA B 219 -21.51 -9.46 5.82
C ALA B 219 -20.47 -8.35 5.79
N ASN B 220 -20.48 -7.43 6.76
CA ASN B 220 -19.51 -6.35 6.72
C ASN B 220 -18.10 -6.85 7.02
N TYR B 221 -17.99 -7.76 8.00
CA TYR B 221 -16.68 -8.37 8.24
C TYR B 221 -16.15 -9.02 6.98
N SER B 222 -16.99 -9.86 6.33
CA SER B 222 -16.59 -10.54 5.11
C SER B 222 -16.19 -9.55 4.01
N ILE B 223 -16.96 -8.47 3.85
CA ILE B 223 -16.64 -7.47 2.83
C ILE B 223 -15.21 -6.98 3.00
N PHE B 224 -14.83 -6.65 4.23
CA PHE B 224 -13.50 -6.05 4.33
C PHE B 224 -12.37 -7.07 4.34
N CYS B 225 -12.66 -8.32 4.69
CA CYS B 225 -11.69 -9.38 4.43
CA CYS B 225 -11.68 -9.38 4.44
C CYS B 225 -11.46 -9.54 2.94
N LEU B 226 -12.52 -9.49 2.14
CA LEU B 226 -12.40 -9.53 0.69
C LEU B 226 -11.66 -8.32 0.13
N GLN B 227 -11.81 -7.15 0.76
CA GLN B 227 -11.04 -5.97 0.31
C GLN B 227 -9.55 -6.22 0.47
N SER B 228 -9.16 -6.71 1.66
CA SER B 228 -7.78 -7.13 1.90
C SER B 228 -7.32 -8.15 0.86
N GLN B 229 -8.17 -9.13 0.56
CA GLN B 229 -7.83 -10.16 -0.43
C GLN B 229 -7.53 -9.55 -1.80
N ILE B 230 -8.34 -8.58 -2.23
CA ILE B 230 -8.08 -7.96 -3.52
C ILE B 230 -6.72 -7.27 -3.51
N CYS B 231 -6.42 -6.50 -2.44
CA CYS B 231 -5.11 -5.84 -2.38
C CYS B 231 -3.99 -6.86 -2.50
N THR B 232 -4.13 -7.99 -1.80
CA THR B 232 -3.09 -9.02 -1.81
C THR B 232 -2.90 -9.61 -3.21
N ILE B 233 -4.00 -10.00 -3.87
CA ILE B 233 -3.88 -10.63 -5.18
C ILE B 233 -3.27 -9.65 -6.18
N PHE B 234 -3.72 -8.39 -6.14
CA PHE B 234 -3.18 -7.34 -6.99
C PHE B 234 -1.65 -7.24 -6.82
N LYS B 235 -1.20 -7.00 -5.59
CA LYS B 235 0.23 -6.81 -5.37
C LYS B 235 1.00 -8.03 -5.78
N ASN B 236 0.55 -9.22 -5.39
CA ASN B 236 1.32 -10.42 -5.66
C ASN B 236 1.40 -10.71 -7.15
N PHE B 237 0.33 -10.42 -7.90
CA PHE B 237 0.40 -10.57 -9.34
C PHE B 237 1.46 -9.66 -9.94
N LEU B 238 1.44 -8.39 -9.56
CA LEU B 238 2.42 -7.46 -10.13
C LEU B 238 3.83 -7.84 -9.69
N LEU B 239 4.02 -8.21 -8.42
CA LEU B 239 5.35 -8.57 -7.93
C LEU B 239 5.88 -9.79 -8.66
N GLU B 240 5.00 -10.75 -8.93
CA GLU B 240 5.36 -11.91 -9.73
C GLU B 240 5.74 -11.52 -11.15
N ASN B 241 5.21 -10.41 -11.64
CA ASN B 241 5.55 -9.98 -12.99
C ASN B 241 6.60 -8.87 -12.99
N ASN B 242 7.48 -8.87 -11.99
CA ASN B 242 8.68 -8.05 -11.91
C ASN B 242 8.39 -6.57 -11.66
N PHE B 243 7.22 -6.22 -11.10
CA PHE B 243 6.98 -4.84 -10.71
C PHE B 243 7.63 -4.54 -9.36
N ILE B 244 7.87 -3.26 -9.11
CA ILE B 244 8.20 -2.80 -7.76
C ILE B 244 7.10 -1.86 -7.30
N GLU B 245 6.90 -1.84 -5.98
CA GLU B 245 5.94 -0.95 -5.36
C GLU B 245 6.60 0.40 -5.06
N ILE B 246 5.88 1.49 -5.36
CA ILE B 246 6.40 2.85 -5.13
C ILE B 246 5.42 3.60 -4.23
N HIS B 247 5.92 4.67 -3.63
CA HIS B 247 5.11 5.55 -2.79
C HIS B 247 5.47 6.97 -3.15
N THR B 248 4.50 7.70 -3.68
CA THR B 248 4.70 9.05 -4.20
C THR B 248 3.83 10.03 -3.40
N PRO B 249 4.18 11.32 -3.40
CA PRO B 249 3.57 12.24 -2.43
C PRO B 249 2.13 12.60 -2.76
N LYS B 250 1.35 12.83 -1.71
CA LYS B 250 0.00 13.34 -1.88
C LYS B 250 -0.10 14.84 -1.60
N LEU B 251 0.93 15.44 -0.99
CA LEU B 251 1.02 16.90 -0.89
C LEU B 251 1.71 17.41 -2.15
N LEU B 252 1.03 18.23 -2.89
CA LEU B 252 1.54 18.72 -4.14
C LEU B 252 1.55 20.21 -4.25
N GLY B 253 2.30 20.69 -5.21
CA GLY B 253 2.35 22.10 -5.50
C GLY B 253 1.38 22.46 -6.58
N GLU B 254 0.93 21.45 -7.34
CA GLU B 254 0.01 21.57 -8.46
C GLU B 254 -1.10 20.52 -8.52
N SER B 255 -2.06 20.76 -9.39
CA SER B 255 -3.26 19.96 -9.54
C SER B 255 -3.24 18.45 -9.89
N SER B 256 -2.34 18.01 -10.78
CA SER B 256 -2.18 16.58 -11.19
C SER B 256 -3.28 15.98 -12.08
N GLU B 257 -4.52 16.01 -11.61
CA GLU B 257 -5.66 15.52 -12.37
C GLU B 257 -6.71 16.65 -12.61
N GLY B 258 -6.33 17.91 -12.39
CA GLY B 258 -7.19 19.09 -12.57
C GLY B 258 -7.40 19.96 -11.31
N GLY B 259 -7.26 21.27 -11.43
CA GLY B 259 -7.37 22.19 -10.30
C GLY B 259 -8.66 22.43 -9.51
N ALA B 260 -9.77 22.47 -10.21
CA ALA B 260 -11.06 22.73 -9.61
C ALA B 260 -11.50 21.68 -8.60
N ASN B 261 -11.20 20.43 -8.87
CA ASN B 261 -11.60 19.36 -7.99
C ASN B 261 -10.56 18.90 -7.00
N ALA B 262 -9.62 19.75 -6.68
CA ALA B 262 -8.55 19.41 -5.76
C ALA B 262 -8.79 20.10 -4.43
N PHE B 263 -8.47 19.42 -3.32
CA PHE B 263 -8.46 20.08 -2.02
C PHE B 263 -7.19 20.93 -1.89
N GLN B 264 -7.34 22.15 -1.37
CA GLN B 264 -6.24 23.08 -1.19
C GLN B 264 -5.68 22.98 0.23
N ILE B 265 -4.37 23.17 0.38
CA ILE B 265 -3.75 23.20 1.69
C ILE B 265 -2.80 24.40 1.76
N ASN B 266 -2.52 24.81 3.01
CA ASN B 266 -1.45 25.78 3.30
C ASN B 266 -0.23 25.00 3.78
N TYR B 267 0.77 24.90 2.92
CA TYR B 267 1.98 24.13 3.17
C TYR B 267 3.10 25.11 3.52
N PHE B 268 3.24 25.43 4.80
CA PHE B 268 4.24 26.38 5.27
C PHE B 268 4.28 27.61 4.38
N ASN B 269 3.11 28.26 4.28
CA ASN B 269 2.92 29.48 3.49
C ASN B 269 3.20 29.29 1.99
N GLN B 270 3.10 28.07 1.48
CA GLN B 270 2.95 27.82 0.07
C GLN B 270 1.52 27.33 -0.17
N LYS B 271 0.97 27.68 -1.32
CA LYS B 271 -0.31 27.14 -1.71
C LYS B 271 -0.07 25.78 -2.36
N GLY B 272 -0.75 24.74 -1.85
CA GLY B 272 -0.65 23.42 -2.42
C GLY B 272 -1.99 22.71 -2.49
N PHE B 273 -1.93 21.45 -2.88
CA PHE B 273 -3.11 20.65 -3.20
C PHE B 273 -2.90 19.21 -2.77
N LEU B 274 -4.01 18.53 -2.48
CA LEU B 274 -3.94 17.09 -2.30
C LEU B 274 -3.96 16.42 -3.66
N ALA B 275 -3.22 15.32 -3.78
CA ALA B 275 -3.19 14.57 -5.01
C ALA B 275 -4.54 13.93 -5.28
N GLN B 276 -5.06 14.12 -6.50
CA GLN B 276 -6.17 13.36 -7.03
C GLN B 276 -5.73 12.05 -7.63
N SER B 277 -4.43 11.87 -7.82
CA SER B 277 -3.91 10.71 -8.52
C SER B 277 -2.40 10.80 -8.43
N PRO B 278 -1.67 9.66 -8.44
CA PRO B 278 -0.21 9.72 -8.49
C PRO B 278 0.31 9.77 -9.93
N GLN B 279 -0.56 10.17 -10.87
CA GLN B 279 -0.28 10.08 -12.30
C GLN B 279 1.11 10.64 -12.68
N LEU B 280 1.38 11.88 -12.28
CA LEU B 280 2.62 12.55 -12.69
C LEU B 280 3.84 11.82 -12.14
N TYR B 281 3.78 11.40 -10.88
CA TYR B 281 4.94 10.74 -10.24
C TYR B 281 5.17 9.34 -10.76
N LYS B 282 4.11 8.56 -11.02
CA LYS B 282 4.35 7.22 -11.55
C LYS B 282 4.95 7.29 -12.96
N GLN B 283 4.52 8.26 -13.77
CA GLN B 283 5.20 8.48 -15.05
C GLN B 283 6.65 8.96 -14.88
N MET B 284 6.90 9.84 -13.90
CA MET B 284 8.27 10.27 -13.67
C MET B 284 9.16 9.08 -13.29
N CYS B 285 8.59 8.12 -12.54
CA CYS B 285 9.35 6.92 -12.19
C CYS B 285 9.65 6.07 -13.41
N ILE B 286 8.69 5.95 -14.34
CA ILE B 286 9.01 5.25 -15.58
C ILE B 286 10.09 6.02 -16.36
N ASN B 287 9.99 7.36 -16.43
CA ASN B 287 11.03 8.13 -17.11
C ASN B 287 12.41 7.98 -16.44
N SER B 288 12.45 7.65 -15.15
CA SER B 288 13.69 7.39 -14.42
C SER B 288 14.22 5.98 -14.61
N GLY B 289 13.50 5.09 -15.30
CA GLY B 289 13.98 3.74 -15.55
C GLY B 289 13.41 2.63 -14.69
N PHE B 290 12.38 2.89 -13.87
CA PHE B 290 11.89 1.85 -12.96
C PHE B 290 11.15 0.74 -13.70
N ASP B 291 10.73 0.99 -14.95
CA ASP B 291 10.21 0.03 -15.92
C ASP B 291 8.80 -0.49 -15.65
N ARG B 292 8.50 -0.90 -14.41
CA ARG B 292 7.18 -1.41 -14.05
C ARG B 292 6.94 -1.06 -12.60
N VAL B 293 5.96 -0.21 -12.33
CA VAL B 293 5.69 0.26 -10.98
C VAL B 293 4.21 0.13 -10.66
N PHE B 294 3.91 -0.05 -9.37
CA PHE B 294 2.54 0.13 -8.90
C PHE B 294 2.53 0.88 -7.58
N GLU B 295 1.38 1.49 -7.29
CA GLU B 295 1.13 2.12 -6.02
C GLU B 295 -0.27 1.74 -5.52
N VAL B 296 -0.39 1.52 -4.21
CA VAL B 296 -1.66 1.30 -3.53
C VAL B 296 -1.77 2.38 -2.48
N ALA B 297 -2.59 3.41 -2.72
CA ALA B 297 -2.51 4.54 -1.80
C ALA B 297 -3.78 5.37 -1.92
N PRO B 298 -4.06 6.22 -0.92
CA PRO B 298 -5.20 7.13 -1.02
C PRO B 298 -5.04 8.17 -2.12
N VAL B 299 -6.18 8.58 -2.69
CA VAL B 299 -6.30 9.81 -3.45
C VAL B 299 -7.49 10.58 -2.91
N PHE B 300 -7.55 11.86 -3.30
CA PHE B 300 -8.47 12.82 -2.72
C PHE B 300 -9.10 13.64 -3.83
N ARG B 301 -10.43 13.66 -3.86
CA ARG B 301 -11.21 14.27 -4.93
C ARG B 301 -12.24 15.20 -4.29
N ALA B 302 -12.23 16.46 -4.71
CA ALA B 302 -13.03 17.51 -4.08
C ALA B 302 -14.24 17.93 -4.91
N GLU B 303 -14.64 17.12 -5.89
CA GLU B 303 -15.91 17.33 -6.59
C GLU B 303 -17.06 17.30 -5.59
N ASN B 304 -17.97 18.27 -5.71
CA ASN B 304 -19.17 18.28 -4.88
C ASN B 304 -20.22 17.39 -5.53
N SER B 305 -20.00 16.08 -5.40
CA SER B 305 -20.88 15.08 -6.01
C SER B 305 -21.30 14.10 -4.92
N ASN B 306 -22.60 13.92 -4.76
CA ASN B 306 -23.17 13.00 -3.76
C ASN B 306 -23.92 11.87 -4.47
N THR B 307 -23.19 10.84 -4.89
CA THR B 307 -23.79 9.71 -5.60
C THR B 307 -23.46 8.40 -4.90
N TYR B 308 -24.16 7.33 -5.31
CA TYR B 308 -23.96 6.00 -4.77
C TYR B 308 -22.59 5.43 -5.07
N ARG B 309 -21.81 6.03 -5.99
CA ARG B 309 -20.54 5.45 -6.39
C ARG B 309 -19.34 6.40 -6.29
N HIS B 310 -19.50 7.56 -5.66
CA HIS B 310 -18.47 8.60 -5.64
C HIS B 310 -18.03 8.82 -4.21
N LEU B 311 -16.72 8.84 -3.97
CA LEU B 311 -16.15 9.18 -2.68
C LEU B 311 -15.22 10.38 -2.81
N CYS B 312 -15.06 11.12 -1.71
CA CYS B 312 -14.09 12.21 -1.68
C CYS B 312 -12.68 11.71 -1.41
N GLU B 313 -12.55 10.50 -0.87
CA GLU B 313 -11.25 9.91 -0.63
C GLU B 313 -11.39 8.42 -0.91
N TYR B 314 -10.46 7.87 -1.66
CA TYR B 314 -10.58 6.44 -1.90
C TYR B 314 -9.19 5.87 -2.12
N VAL B 315 -9.10 4.55 -2.19
CA VAL B 315 -7.83 3.88 -2.38
C VAL B 315 -7.67 3.57 -3.86
N SER B 316 -6.65 4.17 -4.48
CA SER B 316 -6.35 3.96 -5.88
C SER B 316 -5.27 2.91 -6.01
N LEU B 317 -5.51 1.91 -6.87
CA LEU B 317 -4.50 0.94 -7.28
C LEU B 317 -4.00 1.42 -8.63
N ASP B 318 -2.74 1.82 -8.69
CA ASP B 318 -2.18 2.43 -9.88
C ASP B 318 -1.07 1.55 -10.42
N VAL B 319 -0.98 1.50 -11.75
CA VAL B 319 0.02 0.71 -12.46
C VAL B 319 0.58 1.58 -13.56
N GLU B 320 1.90 1.48 -13.79
CA GLU B 320 2.51 2.17 -14.93
C GLU B 320 3.67 1.32 -15.41
N MET B 321 3.81 1.17 -16.73
CA MET B 321 4.81 0.23 -17.23
C MET B 321 5.19 0.58 -18.66
N THR B 322 6.29 0.01 -19.11
CA THR B 322 6.75 0.19 -20.46
C THR B 322 6.19 -0.87 -21.38
N TYR B 323 6.25 -0.64 -22.68
CA TYR B 323 5.83 -1.59 -23.68
C TYR B 323 6.88 -1.61 -24.79
N LYS B 324 6.92 -2.67 -25.56
CA LYS B 324 7.92 -2.77 -26.59
C LYS B 324 7.57 -1.98 -27.81
N TYR B 325 6.59 -2.44 -28.57
CA TYR B 325 6.20 -1.73 -29.76
C TYR B 325 4.76 -1.31 -29.82
N ASP B 326 3.91 -1.98 -29.10
CA ASP B 326 2.48 -1.70 -29.12
C ASP B 326 1.92 -1.58 -27.74
N TYR B 327 1.10 -0.57 -27.49
CA TYR B 327 0.48 -0.37 -26.19
C TYR B 327 -0.51 -1.45 -25.77
N LEU B 328 -1.04 -2.21 -26.73
CA LEU B 328 -1.92 -3.33 -26.49
C LEU B 328 -1.26 -4.41 -25.63
N GLU B 329 0.05 -4.60 -25.75
CA GLU B 329 0.80 -5.46 -24.89
C GLU B 329 0.44 -5.19 -23.44
N ASN B 330 0.44 -3.94 -23.05
CA ASN B 330 0.09 -3.58 -21.69
C ASN B 330 -1.39 -3.83 -21.41
N VAL B 331 -2.26 -3.53 -22.38
CA VAL B 331 -3.70 -3.70 -22.15
C VAL B 331 -4.01 -5.16 -21.86
N HIS B 332 -3.50 -6.05 -22.71
CA HIS B 332 -3.65 -7.48 -22.47
C HIS B 332 -3.14 -7.84 -21.09
N PHE B 333 -2.02 -7.23 -20.69
CA PHE B 333 -1.49 -7.51 -19.36
C PHE B 333 -2.46 -7.05 -18.28
N TYR B 334 -2.99 -5.81 -18.38
CA TYR B 334 -3.94 -5.36 -17.37
C TYR B 334 -5.14 -6.29 -17.34
N ASP B 335 -5.56 -6.78 -18.53
CA ASP B 335 -6.69 -7.70 -18.61
C ASP B 335 -6.37 -9.00 -17.87
N SER B 336 -5.15 -9.54 -18.08
CA SER B 336 -4.75 -10.77 -17.39
C SER B 336 -4.87 -10.57 -15.90
N MET B 337 -4.47 -9.39 -15.43
CA MET B 337 -4.46 -9.12 -14.01
C MET B 337 -5.87 -9.26 -13.45
N PHE B 338 -6.83 -8.62 -14.12
CA PHE B 338 -8.19 -8.66 -13.56
C PHE B 338 -8.76 -10.05 -13.68
N LYS B 339 -8.42 -10.77 -14.75
CA LYS B 339 -8.95 -12.13 -14.85
C LYS B 339 -8.40 -12.96 -13.70
N HIS B 340 -7.11 -12.74 -13.39
CA HIS B 340 -6.48 -13.43 -12.27
C HIS B 340 -7.19 -13.08 -10.98
N ILE B 341 -7.50 -11.80 -10.78
CA ILE B 341 -8.19 -11.39 -9.56
C ILE B 341 -9.53 -12.12 -9.45
N PHE B 342 -10.29 -12.15 -10.56
CA PHE B 342 -11.58 -12.83 -10.51
C PHE B 342 -11.36 -14.30 -10.22
N THR B 343 -10.36 -14.91 -10.87
CA THR B 343 -10.14 -16.33 -10.66
C THR B 343 -9.84 -16.60 -9.19
N GLU B 344 -9.03 -15.74 -8.56
CA GLU B 344 -8.67 -16.00 -7.18
C GLU B 344 -9.82 -15.72 -6.24
N LEU B 345 -10.67 -14.73 -6.57
CA LEU B 345 -11.74 -14.39 -5.65
C LEU B 345 -12.84 -15.44 -5.68
N SER B 346 -12.99 -16.13 -6.81
CA SER B 346 -14.06 -17.07 -7.01
C SER B 346 -13.70 -18.50 -6.63
N LYS B 347 -12.49 -18.72 -6.11
CA LYS B 347 -12.01 -20.06 -5.80
C LYS B 347 -12.69 -20.60 -4.55
N GLY B 348 -12.57 -21.91 -4.36
CA GLY B 348 -13.08 -22.55 -3.15
C GLY B 348 -12.27 -22.17 -1.91
N GLY B 349 -12.79 -22.57 -0.76
CA GLY B 349 -12.11 -22.30 0.50
C GLY B 349 -12.58 -21.04 1.22
N LYS B 350 -11.63 -20.24 1.67
CA LYS B 350 -11.98 -19.07 2.47
C LYS B 350 -12.80 -18.06 1.67
N ASN B 351 -12.35 -17.75 0.45
CA ASN B 351 -13.03 -16.73 -0.35
C ASN B 351 -14.48 -17.11 -0.63
N GLU B 352 -14.75 -18.39 -0.85
CA GLU B 352 -16.11 -18.87 -1.09
C GLU B 352 -17.00 -18.68 0.13
N MET B 353 -16.45 -18.94 1.32
CA MET B 353 -17.23 -18.70 2.54
C MET B 353 -17.48 -17.22 2.75
N LEU B 354 -16.48 -16.37 2.46
CA LEU B 354 -16.65 -14.92 2.61
C LEU B 354 -17.72 -14.38 1.67
N ILE B 355 -17.67 -14.80 0.39
CA ILE B 355 -18.65 -14.30 -0.57
C ILE B 355 -20.04 -14.79 -0.23
N LYS B 356 -20.15 -16.03 0.21
CA LYS B 356 -21.44 -16.59 0.58
C LYS B 356 -21.99 -15.83 1.76
N THR B 357 -21.14 -15.49 2.72
CA THR B 357 -21.60 -14.74 3.87
C THR B 357 -22.09 -13.35 3.46
N VAL B 358 -21.42 -12.71 2.50
CA VAL B 358 -21.94 -11.44 1.99
C VAL B 358 -23.28 -11.64 1.29
N LYS B 359 -23.39 -12.66 0.44
CA LYS B 359 -24.59 -12.87 -0.35
C LYS B 359 -25.79 -13.22 0.50
N GLY B 360 -25.58 -13.80 1.69
CA GLY B 360 -26.71 -14.10 2.56
C GLY B 360 -27.49 -12.86 2.95
N GLN B 361 -26.79 -11.74 3.17
CA GLN B 361 -27.52 -10.52 3.48
C GLN B 361 -27.82 -9.68 2.24
N TYR B 362 -26.93 -9.71 1.25
CA TYR B 362 -27.03 -8.87 0.05
C TYR B 362 -26.97 -9.75 -1.21
N PRO B 363 -28.06 -10.41 -1.57
CA PRO B 363 -27.99 -11.40 -2.65
C PRO B 363 -27.71 -10.77 -4.01
N CYS B 364 -27.01 -11.52 -4.85
CA CYS B 364 -26.61 -11.10 -6.17
C CYS B 364 -25.94 -12.28 -6.86
N GLU B 365 -26.25 -12.48 -8.13
CA GLU B 365 -25.66 -13.57 -8.90
C GLU B 365 -24.14 -13.46 -8.91
N ASP B 366 -23.49 -14.61 -9.11
CA ASP B 366 -22.03 -14.69 -9.19
C ASP B 366 -21.49 -13.79 -10.27
N PHE B 367 -20.40 -13.09 -9.97
CA PHE B 367 -19.72 -12.34 -11.02
C PHE B 367 -19.17 -13.30 -12.08
N GLN B 368 -19.45 -13.00 -13.35
CA GLN B 368 -19.06 -13.84 -14.48
C GLN B 368 -18.10 -13.11 -15.41
N TRP B 369 -17.12 -13.84 -15.93
CA TRP B 369 -16.20 -13.34 -16.95
C TRP B 369 -15.85 -14.49 -17.89
N LEU B 370 -15.56 -14.15 -19.14
CA LEU B 370 -15.25 -15.11 -20.19
C LEU B 370 -13.76 -15.47 -20.20
N GLU B 371 -13.46 -16.57 -20.88
CA GLU B 371 -12.06 -16.98 -21.06
C GLU B 371 -11.27 -15.95 -21.88
N GLU B 372 -11.92 -15.30 -22.84
CA GLU B 372 -11.34 -14.21 -23.62
CA GLU B 372 -11.31 -14.19 -23.57
C GLU B 372 -12.23 -12.98 -23.43
N THR B 373 -11.68 -11.92 -22.88
CA THR B 373 -12.44 -10.71 -22.56
C THR B 373 -12.91 -10.01 -23.84
N PRO B 374 -14.18 -9.62 -23.94
CA PRO B 374 -14.60 -8.82 -25.10
C PRO B 374 -13.98 -7.42 -25.01
N ILE B 375 -13.50 -6.94 -26.17
CA ILE B 375 -12.97 -5.59 -26.33
C ILE B 375 -13.78 -4.88 -27.40
N PHE B 376 -14.42 -3.77 -27.03
CA PHE B 376 -15.16 -2.93 -27.97
C PHE B 376 -14.42 -1.60 -28.15
N THR B 377 -14.50 -1.04 -29.35
CA THR B 377 -14.16 0.37 -29.52
C THR B 377 -15.31 1.23 -28.99
N TYR B 378 -14.95 2.43 -28.51
CA TYR B 378 -15.93 3.40 -28.07
C TYR B 378 -17.00 3.62 -29.12
N GLU B 379 -16.60 3.73 -30.39
CA GLU B 379 -17.58 3.88 -31.45
C GLU B 379 -18.53 2.69 -31.49
N GLU B 380 -18.00 1.46 -31.36
CA GLU B 380 -18.85 0.28 -31.37
C GLU B 380 -19.83 0.31 -30.22
N ALA B 381 -19.34 0.62 -29.01
CA ALA B 381 -20.20 0.67 -27.83
C ALA B 381 -21.34 1.65 -28.03
N ILE B 382 -21.02 2.84 -28.53
CA ILE B 382 -22.06 3.85 -28.71
C ILE B 382 -23.04 3.39 -29.77
N LYS B 383 -22.56 2.70 -30.81
CA LYS B 383 -23.49 2.19 -31.82
C LYS B 383 -24.36 1.06 -31.27
N MET B 384 -23.86 0.31 -30.30
CA MET B 384 -24.72 -0.67 -29.62
C MET B 384 -25.82 0.05 -28.86
N LEU B 385 -25.47 1.11 -28.13
CA LEU B 385 -26.50 1.87 -27.42
C LEU B 385 -27.52 2.45 -28.40
N ILE B 386 -27.07 2.92 -29.56
CA ILE B 386 -27.99 3.47 -30.56
C ILE B 386 -28.91 2.37 -31.11
N GLN B 387 -28.34 1.23 -31.44
CA GLN B 387 -29.08 0.13 -32.00
C GLN B 387 -30.17 -0.36 -31.09
N HIS B 388 -29.91 -0.36 -29.80
CA HIS B 388 -30.91 -0.74 -28.82
C HIS B 388 -31.78 0.44 -28.42
N GLY B 389 -31.79 1.51 -29.19
CA GLY B 389 -32.66 2.65 -28.96
C GLY B 389 -32.49 3.32 -27.62
N LYS B 390 -31.30 3.23 -27.03
CA LYS B 390 -31.03 3.92 -25.77
C LYS B 390 -30.44 5.31 -25.99
N LEU B 391 -29.81 5.55 -27.13
CA LEU B 391 -29.28 6.85 -27.51
C LEU B 391 -29.69 7.17 -28.93
N HIS B 392 -29.80 8.47 -29.24
CA HIS B 392 -30.14 8.95 -30.57
C HIS B 392 -29.08 9.95 -30.98
N LEU B 393 -28.29 9.60 -31.98
CA LEU B 393 -27.12 10.39 -32.39
C LEU B 393 -26.88 10.14 -33.86
N LYS B 394 -26.71 11.19 -34.64
CA LYS B 394 -26.22 11.02 -36.00
C LYS B 394 -24.74 10.63 -35.95
N GLU B 395 -24.23 10.15 -37.09
CA GLU B 395 -22.86 9.63 -37.12
C GLU B 395 -21.86 10.66 -36.61
N GLU B 396 -21.92 11.87 -37.16
CA GLU B 396 -20.99 12.96 -36.88
C GLU B 396 -21.03 13.42 -35.43
N GLU B 397 -21.94 12.89 -34.61
CA GLU B 397 -22.05 13.26 -33.21
C GLU B 397 -21.53 12.19 -32.26
N ILE B 398 -21.25 10.98 -32.75
CA ILE B 398 -20.91 9.88 -31.84
C ILE B 398 -19.64 10.19 -31.06
N LEU B 399 -18.57 10.55 -31.76
CA LEU B 399 -17.31 10.83 -31.07
C LEU B 399 -17.41 12.03 -30.14
N ALA B 400 -18.45 12.84 -30.24
CA ALA B 400 -18.58 13.96 -29.33
C ALA B 400 -19.35 13.59 -28.06
N TYR B 401 -20.05 12.46 -28.06
CA TYR B 401 -20.86 12.06 -26.92
C TYR B 401 -19.99 11.47 -25.82
N ASP B 402 -20.22 11.93 -24.58
CA ASP B 402 -19.45 11.52 -23.41
C ASP B 402 -20.34 10.65 -22.53
N MET B 403 -20.02 9.36 -22.45
CA MET B 403 -20.96 8.38 -21.94
C MET B 403 -21.23 8.60 -20.45
N SER B 404 -22.50 8.67 -20.09
CA SER B 404 -22.93 8.88 -18.72
C SER B 404 -22.91 7.56 -17.94
N THR B 405 -23.05 7.68 -16.61
CA THR B 405 -23.07 6.49 -15.77
C THR B 405 -24.32 5.64 -16.04
N ASP B 406 -25.47 6.28 -16.25
CA ASP B 406 -26.67 5.56 -16.66
C ASP B 406 -26.45 4.78 -17.95
N MET B 407 -25.84 5.42 -18.95
CA MET B 407 -25.57 4.71 -20.19
C MET B 407 -24.53 3.61 -19.98
N GLU B 408 -23.62 3.79 -19.02
CA GLU B 408 -22.72 2.71 -18.64
C GLU B 408 -23.51 1.47 -18.23
N LYS B 409 -24.49 1.66 -17.34
CA LYS B 409 -25.27 0.51 -16.89
C LYS B 409 -26.13 -0.07 -18.02
N GLU B 410 -26.64 0.79 -18.92
CA GLU B 410 -27.40 0.28 -20.07
C GLU B 410 -26.51 -0.54 -21.00
N LEU B 411 -25.30 -0.06 -21.30
CA LEU B 411 -24.37 -0.86 -22.09
C LEU B 411 -24.06 -2.18 -21.39
N GLY B 412 -23.85 -2.14 -20.08
CA GLY B 412 -23.61 -3.36 -19.34
C GLY B 412 -24.73 -4.37 -19.47
N LYS B 413 -25.98 -3.91 -19.44
CA LYS B 413 -27.10 -4.85 -19.62
C LYS B 413 -27.08 -5.44 -21.03
N ILE B 414 -26.79 -4.61 -22.04
CA ILE B 414 -26.74 -5.11 -23.41
C ILE B 414 -25.67 -6.19 -23.56
N VAL B 415 -24.50 -5.94 -22.97
CA VAL B 415 -23.39 -6.88 -23.16
C VAL B 415 -23.63 -8.13 -22.33
N LYS B 416 -24.23 -7.99 -21.16
CA LYS B 416 -24.61 -9.18 -20.42
C LYS B 416 -25.53 -10.07 -21.24
N ALA B 417 -26.51 -9.47 -21.93
CA ALA B 417 -27.44 -10.30 -22.70
C ALA B 417 -26.78 -10.92 -23.94
N SER B 418 -25.83 -10.22 -24.58
CA SER B 418 -25.29 -10.75 -25.84
C SER B 418 -24.02 -11.60 -25.64
N HIS B 419 -23.13 -11.19 -24.74
CA HIS B 419 -21.84 -11.83 -24.51
C HIS B 419 -21.81 -12.66 -23.24
N HIS B 420 -22.84 -12.55 -22.39
CA HIS B 420 -23.00 -13.37 -21.20
C HIS B 420 -21.81 -13.21 -20.25
N THR B 421 -21.41 -11.96 -20.00
CA THR B 421 -20.31 -11.68 -19.10
C THR B 421 -20.59 -10.39 -18.34
N ASP B 422 -19.96 -10.25 -17.17
CA ASP B 422 -20.01 -9.02 -16.40
C ASP B 422 -18.77 -8.16 -16.55
N TYR B 423 -17.83 -8.53 -17.43
CA TYR B 423 -16.52 -7.89 -17.47
C TYR B 423 -16.13 -7.62 -18.93
N TYR B 424 -15.87 -6.37 -19.26
CA TYR B 424 -15.43 -6.10 -20.64
C TYR B 424 -14.61 -4.80 -20.71
N ILE B 425 -14.02 -4.56 -21.89
CA ILE B 425 -13.07 -3.48 -22.09
C ILE B 425 -13.56 -2.59 -23.22
N ILE B 426 -13.39 -1.28 -23.09
CA ILE B 426 -13.64 -0.34 -24.19
C ILE B 426 -12.35 0.39 -24.50
N ILE B 427 -11.94 0.37 -25.76
CA ILE B 427 -10.75 1.08 -26.21
C ILE B 427 -11.14 2.20 -27.17
N ASN B 428 -10.14 3.03 -27.52
CA ASN B 428 -10.24 4.06 -28.56
C ASN B 428 -11.24 5.16 -28.20
N PHE B 429 -11.12 5.66 -26.97
CA PHE B 429 -11.94 6.79 -26.57
C PHE B 429 -11.58 8.03 -27.38
N PRO B 430 -12.55 8.92 -27.58
CA PRO B 430 -12.23 10.15 -28.32
C PRO B 430 -11.20 10.98 -27.55
N SER B 431 -10.19 11.44 -28.29
CA SER B 431 -9.08 12.20 -27.70
C SER B 431 -9.58 13.39 -26.89
N ALA B 432 -10.63 14.06 -27.36
CA ALA B 432 -11.02 15.28 -26.67
C ALA B 432 -11.69 15.01 -25.33
N LEU B 433 -12.02 13.77 -25.03
CA LEU B 433 -12.64 13.41 -23.76
C LEU B 433 -11.65 12.77 -22.79
N ARG B 434 -10.35 12.80 -23.10
CA ARG B 434 -9.34 12.15 -22.27
C ARG B 434 -8.30 13.19 -21.81
N PRO B 435 -7.55 12.89 -20.76
CA PRO B 435 -6.59 13.87 -20.24
C PRO B 435 -5.45 14.18 -21.21
N PHE B 436 -4.74 15.27 -20.92
CA PHE B 436 -3.69 15.79 -21.80
C PHE B 436 -2.55 14.79 -22.00
N TYR B 437 -2.32 13.89 -21.05
CA TYR B 437 -1.20 12.95 -21.17
C TYR B 437 -1.54 11.75 -22.05
N THR B 438 -2.77 11.65 -22.56
CA THR B 438 -3.18 10.54 -23.41
C THR B 438 -2.62 10.72 -24.83
N MET B 439 -1.99 9.66 -25.36
CA MET B 439 -1.51 9.69 -26.74
C MET B 439 -2.66 9.43 -27.70
N TYR B 440 -2.84 10.33 -28.66
CA TYR B 440 -3.81 10.15 -29.73
C TYR B 440 -3.22 9.26 -30.82
N LYS B 441 -4.10 8.74 -31.67
CA LYS B 441 -3.65 7.98 -32.83
C LYS B 441 -3.16 8.98 -33.86
N GLU B 442 -1.91 8.87 -34.29
CA GLU B 442 -1.34 9.91 -35.15
C GLU B 442 -2.06 9.97 -36.49
N ASP B 443 -2.54 8.83 -36.97
CA ASP B 443 -3.28 8.78 -38.23
C ASP B 443 -4.72 9.21 -38.09
N GLU B 444 -5.33 9.12 -36.90
CA GLU B 444 -6.65 9.69 -36.66
C GLU B 444 -6.69 10.32 -35.28
N PRO B 445 -6.28 11.58 -35.17
CA PRO B 445 -6.08 12.19 -33.85
C PRO B 445 -7.34 12.38 -33.06
N ALA B 446 -8.52 12.22 -33.67
CA ALA B 446 -9.75 12.38 -32.90
C ALA B 446 -9.97 11.22 -31.94
N ILE B 447 -9.27 10.11 -32.11
CA ILE B 447 -9.34 9.03 -31.12
C ILE B 447 -7.95 8.76 -30.57
N SER B 448 -7.94 8.14 -29.41
CA SER B 448 -6.73 7.98 -28.62
C SER B 448 -6.52 6.51 -28.30
N ASN B 449 -5.29 6.20 -27.86
CA ASN B 449 -4.97 4.86 -27.42
C ASN B 449 -5.22 4.80 -25.91
N SER B 450 -6.51 4.62 -25.58
CA SER B 450 -7.01 4.74 -24.23
C SER B 450 -8.05 3.64 -23.99
N TYR B 451 -8.33 3.36 -22.71
CA TYR B 451 -9.16 2.21 -22.38
C TYR B 451 -9.79 2.40 -21.00
N ASP B 452 -11.01 1.89 -20.87
CA ASP B 452 -11.67 1.66 -19.60
C ASP B 452 -12.04 0.18 -19.48
N PHE B 453 -11.93 -0.36 -18.27
CA PHE B 453 -12.48 -1.68 -17.95
C PHE B 453 -13.77 -1.50 -17.16
N PHE B 454 -14.71 -2.43 -17.37
CA PHE B 454 -16.02 -2.37 -16.73
C PHE B 454 -16.35 -3.70 -16.05
N MET B 455 -16.99 -3.58 -14.88
CA MET B 455 -17.58 -4.68 -14.13
C MET B 455 -19.04 -4.35 -13.86
N ARG B 456 -19.93 -5.28 -14.21
CA ARG B 456 -21.38 -5.08 -14.15
C ARG B 456 -21.78 -3.78 -14.83
N GLY B 457 -21.10 -3.48 -15.93
CA GLY B 457 -21.39 -2.31 -16.72
C GLY B 457 -20.80 -1.01 -16.21
N GLU B 458 -20.05 -1.01 -15.11
CA GLU B 458 -19.60 0.24 -14.51
C GLU B 458 -18.08 0.28 -14.48
N GLU B 459 -17.54 1.50 -14.58
CA GLU B 459 -16.11 1.71 -14.75
C GLU B 459 -15.33 1.38 -13.48
N ILE B 460 -14.31 0.53 -13.62
CA ILE B 460 -13.40 0.23 -12.51
C ILE B 460 -11.99 0.72 -12.76
N LEU B 461 -11.61 0.89 -14.03
CA LEU B 461 -10.26 1.18 -14.47
C LEU B 461 -10.33 2.21 -15.58
N SER B 462 -9.36 3.10 -15.59
CA SER B 462 -9.18 4.06 -16.64
C SER B 462 -7.67 4.12 -16.92
N GLY B 463 -7.24 4.22 -18.17
CA GLY B 463 -5.81 4.28 -18.45
C GLY B 463 -5.54 4.62 -19.91
N SER B 464 -4.24 4.70 -20.24
CA SER B 464 -3.90 4.98 -21.65
C SER B 464 -2.42 4.76 -21.95
N GLN B 465 -2.14 4.64 -23.24
CA GLN B 465 -0.81 4.92 -23.75
C GLN B 465 -0.47 6.36 -23.43
N ARG B 466 0.76 6.62 -22.96
CA ARG B 466 1.13 7.98 -22.60
C ARG B 466 1.89 8.66 -23.74
N ILE B 467 1.77 9.98 -23.82
CA ILE B 467 2.64 10.75 -24.68
C ILE B 467 4.04 10.69 -24.10
N SER B 468 4.97 10.12 -24.85
CA SER B 468 6.34 9.94 -24.38
C SER B 468 7.35 10.69 -25.25
N ASP B 469 6.90 11.74 -25.92
CA ASP B 469 7.76 12.66 -26.65
C ASP B 469 7.54 14.04 -26.05
N VAL B 470 8.60 14.68 -25.56
CA VAL B 470 8.44 15.92 -24.79
C VAL B 470 7.82 17.04 -25.63
N ASN B 471 8.13 17.08 -26.93
CA ASN B 471 7.56 18.10 -27.79
C ASN B 471 6.06 17.88 -28.03
N LEU B 472 5.67 16.65 -28.38
CA LEU B 472 4.25 16.33 -28.50
C LEU B 472 3.52 16.59 -27.18
N LEU B 473 4.20 16.34 -26.06
CA LEU B 473 3.57 16.59 -24.77
C LEU B 473 3.29 18.07 -24.58
N LEU B 474 4.27 18.94 -24.88
CA LEU B 474 4.04 20.38 -24.79
C LEU B 474 2.92 20.84 -25.73
N GLU B 475 2.89 20.30 -26.95
CA GLU B 475 1.80 20.62 -27.88
C GLU B 475 0.44 20.27 -27.28
N ASN B 476 0.33 19.07 -26.69
CA ASN B 476 -0.96 18.65 -26.16
C ASN B 476 -1.34 19.46 -24.92
N ILE B 477 -0.34 19.87 -24.14
CA ILE B 477 -0.61 20.72 -22.98
C ILE B 477 -1.18 22.06 -23.43
N LYS B 478 -0.61 22.65 -24.48
CA LYS B 478 -1.18 23.91 -24.94
C LYS B 478 -2.55 23.69 -25.59
N ARG B 479 -2.73 22.56 -26.30
CA ARG B 479 -4.03 22.25 -26.88
C ARG B 479 -5.12 22.11 -25.81
N PHE B 480 -4.75 21.66 -24.61
CA PHE B 480 -5.70 21.59 -23.50
C PHE B 480 -5.69 22.86 -22.65
N ASN B 481 -4.98 23.91 -23.10
CA ASN B 481 -4.95 25.21 -22.42
C ASN B 481 -4.50 25.07 -20.96
N LEU B 482 -3.54 24.17 -20.73
CA LEU B 482 -2.95 24.03 -19.41
C LEU B 482 -1.71 24.92 -19.29
N ASP B 483 -1.25 25.09 -18.05
CA ASP B 483 -0.14 25.98 -17.74
C ASP B 483 1.12 25.13 -17.63
N ALA B 484 1.91 25.13 -18.70
CA ALA B 484 3.13 24.33 -18.73
C ALA B 484 4.12 24.69 -17.62
N ASN B 485 4.01 25.90 -17.04
CA ASN B 485 4.91 26.26 -15.95
C ASN B 485 4.56 25.53 -14.67
N LYS B 486 3.29 25.29 -14.46
CA LYS B 486 2.88 24.56 -13.29
C LYS B 486 3.23 23.08 -13.42
N LEU B 487 3.36 22.59 -14.64
CA LEU B 487 3.75 21.21 -14.90
C LEU B 487 5.23 21.04 -15.21
N ASN B 488 6.07 22.01 -14.81
CA ASN B 488 7.45 22.08 -15.31
C ASN B 488 8.26 20.82 -14.97
N PHE B 489 8.19 20.35 -13.73
CA PHE B 489 9.01 19.21 -13.32
C PHE B 489 8.58 17.91 -14.01
N TYR B 490 7.27 17.73 -14.16
CA TYR B 490 6.76 16.58 -14.90
C TYR B 490 7.26 16.58 -16.33
N ILE B 491 7.07 17.70 -17.02
CA ILE B 491 7.49 17.84 -18.41
C ILE B 491 8.98 17.55 -18.54
N ASP B 492 9.73 18.19 -17.66
CA ASP B 492 11.16 18.04 -17.66
C ASP B 492 11.57 16.58 -17.58
N SER B 493 10.82 15.79 -16.82
CA SER B 493 11.17 14.37 -16.72
C SER B 493 11.12 13.64 -18.06
N PHE B 494 10.64 14.27 -19.11
CA PHE B 494 10.60 13.64 -20.41
C PHE B 494 11.71 14.14 -21.34
N ALA B 495 12.46 15.13 -20.90
CA ALA B 495 13.52 15.76 -21.70
C ALA B 495 14.81 15.00 -21.91
N TYR B 496 15.04 13.97 -21.14
CA TYR B 496 16.24 13.18 -21.22
C TYR B 496 15.93 11.76 -21.59
N SER B 497 15.00 11.66 -22.54
CA SER B 497 14.40 10.49 -23.19
C SER B 497 13.24 9.94 -22.43
N SER B 498 12.44 9.15 -23.11
CA SER B 498 11.29 8.55 -22.50
C SER B 498 10.91 7.24 -23.17
N TYR B 499 10.83 6.19 -22.38
CA TYR B 499 10.41 4.90 -22.89
C TYR B 499 8.95 4.94 -23.33
N PRO B 500 8.56 4.17 -24.33
CA PRO B 500 7.12 3.98 -24.58
C PRO B 500 6.48 3.37 -23.35
N HIS B 501 5.42 3.99 -22.85
CA HIS B 501 4.81 3.44 -21.64
C HIS B 501 3.31 3.67 -21.65
N SER B 502 2.62 2.97 -20.75
CA SER B 502 1.19 3.15 -20.53
C SER B 502 0.92 2.99 -19.04
N GLY B 503 -0.32 3.20 -18.66
CA GLY B 503 -0.67 2.88 -17.29
C GLY B 503 -2.16 2.88 -17.06
N CYS B 504 -2.54 2.67 -15.80
CA CYS B 504 -3.95 2.66 -15.43
C CYS B 504 -4.12 2.97 -13.96
N GLY B 505 -5.32 3.43 -13.64
CA GLY B 505 -5.74 3.66 -12.26
C GLY B 505 -7.07 3.00 -12.01
N ILE B 506 -7.18 2.37 -10.83
CA ILE B 506 -8.26 1.48 -10.49
C ILE B 506 -8.84 1.88 -9.13
N GLY B 507 -10.16 1.84 -9.00
CA GLY B 507 -10.72 2.10 -7.69
C GLY B 507 -10.93 0.83 -6.87
N LEU B 508 -10.21 0.67 -5.75
CA LEU B 508 -10.33 -0.56 -4.95
C LEU B 508 -11.76 -0.79 -4.47
N GLU B 509 -12.37 0.25 -3.90
CA GLU B 509 -13.73 0.14 -3.38
C GLU B 509 -14.73 -0.13 -4.50
N ARG B 510 -14.51 0.46 -5.68
CA ARG B 510 -15.38 0.17 -6.83
C ARG B 510 -15.28 -1.29 -7.24
N VAL B 511 -14.05 -1.80 -7.35
CA VAL B 511 -13.88 -3.20 -7.75
C VAL B 511 -14.62 -4.11 -6.79
N LEU B 512 -14.46 -3.90 -5.48
CA LEU B 512 -15.12 -4.79 -4.52
C LEU B 512 -16.64 -4.65 -4.60
N MET B 513 -17.12 -3.40 -4.62
CA MET B 513 -18.56 -3.12 -4.75
C MET B 513 -19.17 -3.85 -5.95
N LEU B 514 -18.50 -3.76 -7.10
CA LEU B 514 -19.09 -4.29 -8.33
C LEU B 514 -18.92 -5.81 -8.43
N PHE B 515 -17.83 -6.35 -7.88
CA PHE B 515 -17.71 -7.81 -7.81
C PHE B 515 -18.86 -8.39 -7.01
N LEU B 516 -19.24 -7.74 -5.90
CA LEU B 516 -20.27 -8.32 -5.07
C LEU B 516 -21.68 -7.88 -5.45
N GLY B 517 -21.82 -6.89 -6.33
CA GLY B 517 -23.14 -6.40 -6.66
C GLY B 517 -23.73 -5.48 -5.62
N LEU B 518 -22.91 -4.90 -4.74
CA LEU B 518 -23.44 -4.08 -3.66
C LEU B 518 -24.02 -2.79 -4.22
N ASN B 519 -24.95 -2.19 -3.49
CA ASN B 519 -25.68 -1.05 -4.03
C ASN B 519 -24.98 0.30 -3.82
N ASN B 520 -23.91 0.37 -3.02
CA ASN B 520 -23.39 1.66 -2.63
C ASN B 520 -21.93 1.47 -2.25
N ILE B 521 -21.07 2.40 -2.69
CA ILE B 521 -19.64 2.27 -2.45
C ILE B 521 -19.31 2.51 -0.99
N ARG B 522 -20.24 3.11 -0.23
CA ARG B 522 -20.03 3.27 1.20
C ARG B 522 -20.02 1.93 1.93
N LYS B 523 -20.54 0.86 1.28
CA LYS B 523 -20.43 -0.47 1.86
C LYS B 523 -19.04 -1.09 1.72
N THR B 524 -18.17 -0.55 0.86
CA THR B 524 -16.85 -1.16 0.66
C THR B 524 -15.69 -0.22 1.01
N SER B 525 -15.96 0.89 1.69
CA SER B 525 -14.93 1.77 2.24
C SER B 525 -15.11 1.75 3.76
N LEU B 526 -14.00 1.55 4.49
CA LEU B 526 -14.11 1.31 5.93
C LEU B 526 -14.80 2.46 6.63
N PHE B 527 -14.31 3.67 6.44
CA PHE B 527 -14.91 4.87 7.04
C PHE B 527 -15.09 5.85 5.90
N PRO B 528 -16.24 5.79 5.23
CA PRO B 528 -16.41 6.51 3.97
C PRO B 528 -16.30 8.01 4.13
N ARG B 529 -15.80 8.66 3.08
CA ARG B 529 -15.68 10.12 3.01
C ARG B 529 -16.50 10.60 1.82
N ASP B 530 -17.46 11.47 2.09
CA ASP B 530 -18.20 12.02 0.97
C ASP B 530 -18.52 13.47 1.32
N PRO B 531 -19.08 14.28 0.39
CA PRO B 531 -19.24 15.72 0.65
C PRO B 531 -20.01 16.05 1.92
N LYS B 532 -20.82 15.12 2.41
CA LYS B 532 -21.65 15.35 3.58
C LYS B 532 -21.23 14.51 4.78
N ARG B 533 -20.06 13.87 4.72
CA ARG B 533 -19.63 12.99 5.81
C ARG B 533 -18.12 13.09 5.96
N LEU B 534 -17.68 13.64 7.10
CA LEU B 534 -16.29 13.67 7.49
C LEU B 534 -16.03 12.80 8.71
N ILE B 535 -17.09 12.20 9.24
CA ILE B 535 -17.05 11.50 10.52
C ILE B 535 -17.65 10.10 10.36
N PRO B 536 -17.20 9.11 11.14
CA PRO B 536 -16.04 9.14 12.03
C PRO B 536 -14.72 9.25 11.26
P AMO C . 5.57 8.27 16.01
O1P AMO C . 5.07 9.62 15.77
O2P AMO C . 6.67 7.99 16.91
O3P AMO C . 4.49 7.37 16.67
O5' AMO C . 5.88 7.56 14.66
C5' AMO C . 6.47 6.29 14.71
C4' AMO C . 7.57 6.07 13.68
O4' AMO C . 7.31 6.77 12.49
C1' AMO C . 8.52 7.28 11.97
N9 AMO C . 8.40 8.74 11.91
C4 AMO C . 8.78 9.49 10.92
N3 AMO C . 9.37 9.27 9.74
C2 AMO C . 9.64 10.27 8.92
N1 AMO C . 9.37 11.54 9.18
C6 AMO C . 8.79 11.91 10.32
N6 AMO C . 8.51 13.17 10.59
C5 AMO C . 8.45 10.86 11.28
N7 AMO C . 7.89 10.81 12.47
C8 AMO C . 7.86 9.53 12.84
C2' AMO C . 9.61 6.86 12.90
C3' AMO C . 8.89 6.61 14.17
O3' AMO C . 9.53 5.63 14.97
N AMO C . 0.89 6.43 16.47
CA AMO C . 2.24 6.27 16.96
CB AMO C . 2.70 4.82 16.92
CG AMO C . 1.80 3.93 17.73
OD1 AMO C . 1.85 3.97 18.98
OD2 AMO C . 1.04 3.16 17.11
C AMO C . 3.17 7.13 16.17
O AMO C . 2.85 7.61 15.12
O2' AMO C . 10.10 5.64 12.40
C1 GOL D . 26.33 -1.80 -13.48
O1 GOL D . 26.61 -2.73 -14.50
C2 GOL D . 27.40 -1.89 -12.43
O2 GOL D . 28.40 -0.93 -12.71
C3 GOL D . 26.76 -1.49 -11.13
O3 GOL D . 25.68 -2.38 -10.94
C ACT E . -13.15 10.29 15.40
O ACT E . -13.61 10.41 16.57
OXT ACT E . -13.23 11.14 14.48
CH3 ACT E . -12.41 8.99 15.05
P AMO F . -9.86 8.17 -12.97
O1P AMO F . -10.14 9.47 -12.35
O2P AMO F . -10.80 7.66 -14.06
O3P AMO F . -8.44 8.07 -13.67
O5' AMO F . -9.86 7.10 -11.80
C5' AMO F . -9.56 5.73 -12.04
C4' AMO F . -10.48 4.80 -11.30
O4' AMO F . -10.61 5.22 -9.92
C1' AMO F . -11.91 4.99 -9.45
N9 AMO F . -12.53 6.29 -9.05
C4 AMO F . -13.26 6.53 -7.95
N3 AMO F . -13.62 5.68 -6.98
C2 AMO F . -14.29 6.29 -6.00
N1 AMO F . -14.63 7.57 -5.89
C6 AMO F . -14.25 8.44 -6.87
N6 AMO F . -14.53 9.73 -6.72
C5 AMO F . -13.56 7.90 -7.95
N7 AMO F . -12.99 8.48 -9.10
C8 AMO F . -12.39 7.48 -9.70
C2' AMO F . -12.69 4.29 -10.56
C3' AMO F . -11.93 4.76 -11.79
O3' AMO F . -12.10 3.92 -12.91
N AMO F . -4.88 8.88 -13.45
CA AMO F . -6.04 8.32 -14.16
CB AMO F . -5.86 6.84 -14.54
CG AMO F . -4.69 6.69 -15.50
OD1 AMO F . -4.74 7.11 -16.69
OD2 AMO F . -3.60 6.14 -14.95
C AMO F . -7.25 8.54 -13.23
O AMO F . -7.31 9.08 -12.17
O2' AMO F . -12.50 2.90 -10.38
C1 GOL G . -22.58 -16.87 8.94
O1 GOL G . -23.74 -16.15 8.54
C2 GOL G . -22.64 -17.03 10.44
O2 GOL G . -23.91 -17.54 10.77
C3 GOL G . -21.63 -18.06 10.85
O3 GOL G . -21.71 -18.17 12.27
C ACT H . 5.31 18.57 -10.54
O ACT H . 5.67 19.48 -11.32
OXT ACT H . 4.44 18.67 -9.66
CH3 ACT H . 5.99 17.21 -10.69
#